data_1JTI
#
_entry.id   1JTI
#
_cell.length_a   61.714
_cell.length_b   65.465
_cell.length_c   68.422
_cell.angle_alpha   89.11
_cell.angle_beta   63.27
_cell.angle_gamma   61.72
#
_symmetry.space_group_name_H-M   'P 1'
#
loop_
_entity.id
_entity.type
_entity.pdbx_description
1 polymer Ovalbumin
2 water water
#
_entity_poly.entity_id   1
_entity_poly.type   'polypeptide(L)'
_entity_poly.pdbx_seq_one_letter_code
;GSIGAASMEFCFDVFKELKVHHANENIFYCPIAIMSALAMVYLGAKDSTRTQINKVVRFDKLPGFGDSIEAQCGTSVNVH
SSLRDILNQITKPNDVYSFSLASRLYAEERYPILPEYLQCVKELYRGGLEPINFQTAADQARELINSWVESQTNGIIRNV
LQPSSVDSQTAMVLVNAIVFKGLWEKTFKDEDTQAMPFRVTEQESKPVQMMYQIGLFRVASMASEKMKILELPFASGTMS
MLVLLPDEVSGLEQLESIINFEKLTEWTSSNVMEERKIKVYLPRMKMEEKYNLTSVLMAMGITDVFSSSANLSGISSAES
LKISQAVHAAHAEINEAGTEVVGSAEAGVDAASVSEEFRADHPFLFCIKHIATNAVLFFGRCVSP
;
_entity_poly.pdbx_strand_id   A,B
#
# COMPACT_ATOMS: atom_id res chain seq x y z
N GLY A 1 20.57 21.26 17.80
CA GLY A 1 21.81 21.32 16.99
C GLY A 1 21.62 20.82 15.56
N SER A 2 20.57 20.04 15.33
CA SER A 2 20.27 19.48 14.02
C SER A 2 19.20 18.39 14.19
N ILE A 3 18.48 18.09 13.11
CA ILE A 3 17.43 17.08 13.18
C ILE A 3 18.02 15.73 13.62
N GLY A 4 19.30 15.53 13.34
CA GLY A 4 19.95 14.29 13.72
C GLY A 4 20.00 14.18 15.23
N ALA A 5 20.68 15.12 15.88
CA ALA A 5 20.79 15.11 17.33
C ALA A 5 19.41 15.09 17.99
N ALA A 6 18.45 15.79 17.39
CA ALA A 6 17.10 15.86 17.93
C ALA A 6 16.40 14.50 17.88
N SER A 7 16.49 13.82 16.74
CA SER A 7 15.87 12.50 16.61
C SER A 7 16.49 11.53 17.62
N MET A 8 17.78 11.71 17.90
CA MET A 8 18.53 10.87 18.84
C MET A 8 18.06 10.99 20.28
N GLU A 9 18.06 12.21 20.81
CA GLU A 9 17.61 12.40 22.19
C GLU A 9 16.16 12.02 22.38
N PHE A 10 15.33 12.33 21.40
CA PHE A 10 13.90 12.00 21.50
C PHE A 10 13.75 10.48 21.55
N CYS A 11 14.54 9.79 20.73
CA CYS A 11 14.53 8.33 20.66
C CYS A 11 14.82 7.75 22.02
N PHE A 12 15.93 8.21 22.62
CA PHE A 12 16.34 7.73 23.91
C PHE A 12 15.40 8.12 25.04
N ASP A 13 14.84 9.33 24.98
CA ASP A 13 13.90 9.74 26.00
C ASP A 13 12.67 8.85 25.93
N VAL A 14 12.27 8.48 24.72
CA VAL A 14 11.10 7.60 24.57
C VAL A 14 11.42 6.20 25.13
N PHE A 15 12.61 5.69 24.82
CA PHE A 15 13.02 4.38 25.28
C PHE A 15 12.97 4.28 26.80
N LYS A 16 13.58 5.25 27.47
CA LYS A 16 13.62 5.31 28.93
C LYS A 16 12.24 5.26 29.55
N GLU A 17 11.21 5.53 28.75
CA GLU A 17 9.86 5.54 29.25
C GLU A 17 9.16 4.23 28.89
N LEU A 18 9.52 3.69 27.73
CA LEU A 18 8.92 2.44 27.25
C LEU A 18 9.43 1.20 27.96
N LYS A 19 10.74 1.13 28.16
CA LYS A 19 11.35 -0.03 28.80
C LYS A 19 10.76 -0.35 30.17
N VAL A 20 10.21 0.67 30.82
CA VAL A 20 9.61 0.51 32.12
C VAL A 20 8.28 -0.22 32.06
N HIS A 21 7.57 -0.12 30.94
CA HIS A 21 6.28 -0.79 30.81
C HIS A 21 6.38 -2.04 29.97
N HIS A 22 7.56 -2.31 29.43
CA HIS A 22 7.76 -3.46 28.59
C HIS A 22 9.07 -4.14 28.93
N ALA A 23 9.23 -4.45 30.21
CA ALA A 23 10.44 -5.11 30.70
C ALA A 23 10.41 -6.55 30.18
N ASN A 24 11.58 -7.08 29.87
CA ASN A 24 11.71 -8.44 29.37
C ASN A 24 10.92 -8.71 28.09
N GLU A 25 10.56 -7.65 27.37
CA GLU A 25 9.84 -7.81 26.10
C GLU A 25 10.65 -7.16 25.00
N ASN A 26 10.37 -7.52 23.75
CA ASN A 26 11.06 -6.86 22.64
C ASN A 26 10.46 -5.46 22.58
N ILE A 27 11.21 -4.52 22.02
CA ILE A 27 10.73 -3.16 21.85
C ILE A 27 11.19 -2.74 20.48
N PHE A 28 10.27 -2.16 19.70
CA PHE A 28 10.58 -1.69 18.36
C PHE A 28 9.66 -0.56 17.94
N TYR A 29 10.25 0.56 17.54
CA TYR A 29 9.46 1.68 17.09
C TYR A 29 10.23 2.55 16.11
N CYS A 30 9.50 3.45 15.45
CA CYS A 30 10.07 4.33 14.47
C CYS A 30 10.03 5.80 14.92
N PRO A 31 11.13 6.31 15.50
CA PRO A 31 11.20 7.69 15.99
C PRO A 31 10.78 8.75 14.94
N ILE A 32 11.27 8.58 13.71
CA ILE A 32 10.96 9.49 12.61
C ILE A 32 9.47 9.64 12.33
N ALA A 33 8.74 8.53 12.32
CA ALA A 33 7.32 8.62 12.05
C ALA A 33 6.58 9.28 13.22
N ILE A 34 7.13 9.16 14.42
CA ILE A 34 6.48 9.74 15.57
C ILE A 34 6.69 11.25 15.64
N MET A 35 7.90 11.71 15.31
CA MET A 35 8.17 13.14 15.35
C MET A 35 7.37 13.82 14.24
N SER A 36 7.18 13.10 13.15
CA SER A 36 6.46 13.63 12.02
C SER A 36 5.00 13.93 12.39
N ALA A 37 4.32 12.96 13.00
CA ALA A 37 2.95 13.19 13.42
C ALA A 37 2.90 14.29 14.47
N LEU A 38 3.86 14.27 15.38
CA LEU A 38 3.89 15.27 16.44
C LEU A 38 4.12 16.67 15.85
N ALA A 39 4.87 16.73 14.75
CA ALA A 39 5.16 18.00 14.08
C ALA A 39 3.88 18.60 13.48
N MET A 40 3.05 17.76 12.89
CA MET A 40 1.80 18.22 12.30
C MET A 40 0.82 18.74 13.38
N VAL A 41 0.91 18.23 14.60
CA VAL A 41 0.03 18.72 15.66
C VAL A 41 0.58 20.08 16.11
N TYR A 42 1.89 20.11 16.32
CA TYR A 42 2.63 21.28 16.75
C TYR A 42 2.39 22.51 15.84
N LEU A 43 2.19 22.25 14.55
CA LEU A 43 1.95 23.28 13.54
C LEU A 43 0.73 24.12 13.91
N GLY A 44 -0.27 23.49 14.51
CA GLY A 44 -1.49 24.21 14.88
C GLY A 44 -1.71 24.41 16.35
N ALA A 45 -0.63 24.47 17.13
CA ALA A 45 -0.72 24.66 18.56
C ALA A 45 -0.11 25.99 18.95
N LYS A 46 -0.64 26.60 20.00
CA LYS A 46 -0.13 27.89 20.45
C LYS A 46 0.03 27.94 21.95
N ASP A 47 0.61 29.03 22.43
CA ASP A 47 0.81 29.24 23.86
C ASP A 47 1.61 28.10 24.48
N SER A 48 1.34 27.84 25.76
CA SER A 48 2.01 26.80 26.51
C SER A 48 1.87 25.42 25.86
N THR A 49 0.70 25.14 25.29
CA THR A 49 0.50 23.86 24.62
C THR A 49 1.68 23.66 23.66
N ARG A 50 1.84 24.61 22.76
CA ARG A 50 2.90 24.61 21.75
C ARG A 50 4.30 24.59 22.36
N THR A 51 4.56 25.54 23.25
CA THR A 51 5.88 25.63 23.88
C THR A 51 6.26 24.35 24.61
N GLN A 52 5.28 23.73 25.25
CA GLN A 52 5.50 22.52 26.01
C GLN A 52 5.94 21.36 25.13
N ILE A 53 5.39 21.28 23.92
CA ILE A 53 5.77 20.23 22.99
C ILE A 53 7.22 20.36 22.57
N ASN A 54 7.61 21.55 22.13
CA ASN A 54 8.97 21.78 21.67
C ASN A 54 10.03 21.55 22.75
N LYS A 55 9.64 21.77 24.00
CA LYS A 55 10.57 21.62 25.11
C LYS A 55 10.90 20.16 25.41
N VAL A 56 10.11 19.24 24.87
CA VAL A 56 10.31 17.82 25.09
C VAL A 56 10.85 17.11 23.86
N VAL A 57 10.44 17.57 22.68
CA VAL A 57 10.91 16.96 21.45
C VAL A 57 12.17 17.68 20.95
N ARG A 58 12.28 18.97 21.28
CA ARG A 58 13.44 19.78 20.89
C ARG A 58 13.74 19.79 19.39
N PHE A 59 12.71 19.91 18.56
CA PHE A 59 12.93 19.90 17.11
C PHE A 59 12.68 21.21 16.37
N ASP A 60 12.32 22.27 17.09
CA ASP A 60 12.07 23.57 16.47
C ASP A 60 13.10 24.60 16.94
N LYS A 61 14.03 24.95 16.05
CA LYS A 61 15.09 25.89 16.40
C LYS A 61 14.61 27.28 16.78
N LEU A 62 14.87 27.64 18.02
CA LEU A 62 14.49 28.95 18.52
C LEU A 62 15.52 29.94 17.99
N PRO A 63 15.14 31.23 17.87
CA PRO A 63 13.83 31.79 18.19
C PRO A 63 12.79 31.41 17.15
N GLY A 64 11.52 31.64 17.46
CA GLY A 64 10.46 31.34 16.52
C GLY A 64 9.96 32.64 15.93
N PHE A 65 9.60 32.63 14.66
CA PHE A 65 9.12 33.85 13.99
C PHE A 65 7.60 33.99 13.93
N GLY A 66 6.91 33.45 14.94
CA GLY A 66 5.46 33.56 14.99
C GLY A 66 4.72 32.23 14.85
N ASP A 67 3.59 32.11 15.54
CA ASP A 67 2.80 30.89 15.50
C ASP A 67 1.94 30.90 14.25
N SER A 68 2.12 31.94 13.44
CA SER A 68 1.38 32.07 12.20
C SER A 68 1.71 30.93 11.27
N ILE A 69 0.69 30.25 10.77
CA ILE A 69 0.91 29.16 9.84
C ILE A 69 1.71 29.68 8.65
N GLU A 70 1.45 30.92 8.25
CA GLU A 70 2.18 31.52 7.13
C GLU A 70 3.64 31.71 7.53
N ALA A 71 3.87 32.09 8.79
CA ALA A 71 5.21 32.31 9.31
C ALA A 71 5.96 30.98 9.26
N GLN A 72 5.53 30.03 10.10
CA GLN A 72 6.12 28.70 10.20
C GLN A 72 6.42 28.07 8.83
N CYS A 73 5.42 28.08 7.96
CA CYS A 73 5.55 27.49 6.63
C CYS A 73 6.28 28.39 5.64
N GLY A 74 6.49 29.64 6.03
CA GLY A 74 7.19 30.57 5.16
C GLY A 74 8.40 31.18 5.84
N THR A 75 8.98 30.42 6.78
CA THR A 75 10.14 30.88 7.53
C THR A 75 11.42 30.43 6.82
N SER A 76 11.55 29.12 6.66
CA SER A 76 12.71 28.50 6.02
C SER A 76 13.78 27.98 6.96
N VAL A 77 13.63 28.22 8.26
CA VAL A 77 14.61 27.72 9.24
C VAL A 77 13.88 27.28 10.50
N ASN A 78 13.13 26.20 10.38
CA ASN A 78 12.34 25.67 11.48
C ASN A 78 12.17 24.16 11.39
N VAL A 79 11.52 23.60 12.41
CA VAL A 79 11.26 22.17 12.49
C VAL A 79 10.64 21.59 11.22
N HIS A 80 9.69 22.32 10.64
CA HIS A 80 9.00 21.85 9.44
C HIS A 80 9.90 21.72 8.20
N SER A 81 10.82 22.66 8.00
CA SER A 81 11.70 22.59 6.85
C SER A 81 12.81 21.59 7.15
N SER A 82 13.15 21.44 8.43
CA SER A 82 14.18 20.51 8.88
C SER A 82 13.68 19.07 8.66
N LEU A 83 12.47 18.81 9.15
CA LEU A 83 11.86 17.49 9.02
C LEU A 83 11.54 17.17 7.57
N ARG A 84 11.18 18.20 6.81
CA ARG A 84 10.84 18.05 5.39
C ARG A 84 12.08 17.66 4.58
N ASP A 85 13.18 18.33 4.86
CA ASP A 85 14.42 18.05 4.15
C ASP A 85 14.89 16.61 4.38
N ILE A 86 14.88 16.19 5.64
CA ILE A 86 15.34 14.85 5.97
C ILE A 86 14.49 13.80 5.25
N LEU A 87 13.17 14.01 5.19
CA LEU A 87 12.31 13.06 4.52
C LEU A 87 12.58 13.01 3.01
N ASN A 88 12.95 14.16 2.45
CA ASN A 88 13.23 14.22 1.02
C ASN A 88 14.50 13.47 0.70
N GLN A 89 15.50 13.62 1.56
CA GLN A 89 16.76 12.94 1.34
C GLN A 89 16.70 11.42 1.42
N ILE A 90 15.92 10.88 2.35
CA ILE A 90 15.84 9.42 2.50
C ILE A 90 14.76 8.76 1.66
N THR A 91 13.91 9.55 1.00
CA THR A 91 12.87 8.98 0.16
C THR A 91 13.49 8.59 -1.17
N LYS A 92 13.48 7.28 -1.46
CA LYS A 92 14.06 6.71 -2.69
C LYS A 92 15.11 7.59 -3.36
N ASN A 94 16.86 4.63 -5.05
CA ASN A 94 16.20 3.33 -5.08
C ASN A 94 17.11 2.30 -5.74
N ASP A 95 16.51 1.20 -6.20
CA ASP A 95 17.22 0.09 -6.84
C ASP A 95 17.66 -0.96 -5.82
N VAL A 96 18.32 -0.53 -4.76
CA VAL A 96 18.76 -1.43 -3.70
C VAL A 96 18.15 -1.06 -2.34
N TYR A 97 17.20 -0.13 -2.35
CA TYR A 97 16.57 0.30 -1.11
C TYR A 97 15.46 1.31 -1.38
N SER A 98 14.32 1.12 -0.73
CA SER A 98 13.22 2.05 -0.88
C SER A 98 12.68 2.46 0.50
N PHE A 99 12.29 3.72 0.60
CA PHE A 99 11.77 4.27 1.83
C PHE A 99 10.62 5.21 1.50
N SER A 100 9.50 5.09 2.21
CA SER A 100 8.40 5.99 1.94
C SER A 100 7.59 6.29 3.20
N LEU A 101 7.16 7.54 3.31
CA LEU A 101 6.34 7.97 4.43
C LEU A 101 5.19 8.76 3.84
N ALA A 102 3.99 8.22 3.94
CA ALA A 102 2.80 8.89 3.42
C ALA A 102 1.93 9.35 4.58
N SER A 103 1.47 10.59 4.54
CA SER A 103 0.64 11.13 5.59
C SER A 103 -0.75 11.41 5.06
N ARG A 104 -1.71 11.47 5.96
CA ARG A 104 -3.08 11.74 5.57
C ARG A 104 -3.84 12.39 6.70
N LEU A 105 -4.76 13.26 6.35
CA LEU A 105 -5.60 13.94 7.32
C LEU A 105 -7.04 13.61 7.01
N TYR A 106 -7.73 12.98 7.95
CA TYR A 106 -9.14 12.66 7.78
C TYR A 106 -9.90 13.65 8.64
N ALA A 107 -10.72 14.48 8.01
CA ALA A 107 -11.47 15.47 8.77
C ALA A 107 -12.94 15.43 8.45
N GLU A 108 -13.72 15.78 9.47
CA GLU A 108 -15.18 15.83 9.41
C GLU A 108 -15.74 16.64 8.23
N GLU A 109 -16.98 16.34 7.85
CA GLU A 109 -17.65 17.04 6.75
C GLU A 109 -17.78 18.52 7.09
N ARG A 110 -17.09 19.36 6.33
CA ARG A 110 -17.14 20.80 6.54
C ARG A 110 -16.94 21.21 8.00
N TYR A 111 -15.74 20.99 8.51
CA TYR A 111 -15.43 21.36 9.88
C TYR A 111 -14.55 22.59 9.75
N PRO A 112 -14.64 23.52 10.71
CA PRO A 112 -13.86 24.74 10.67
C PRO A 112 -12.35 24.57 10.77
N ILE A 113 -11.74 23.91 9.79
CA ILE A 113 -10.29 23.70 9.80
C ILE A 113 -9.61 24.84 9.05
N LEU A 114 -9.04 25.79 9.79
CA LEU A 114 -8.37 26.93 9.16
C LEU A 114 -7.75 26.51 7.84
N PRO A 115 -8.18 27.16 6.75
CA PRO A 115 -7.69 26.87 5.40
C PRO A 115 -6.18 26.76 5.29
N GLU A 116 -5.46 27.73 5.85
CA GLU A 116 -4.00 27.69 5.74
C GLU A 116 -3.36 26.48 6.41
N TYR A 117 -4.03 25.90 7.40
CA TYR A 117 -3.46 24.74 8.08
C TYR A 117 -3.39 23.61 7.06
N LEU A 118 -4.51 23.35 6.41
CA LEU A 118 -4.57 22.29 5.42
C LEU A 118 -3.62 22.57 4.25
N GLN A 119 -3.43 23.86 3.95
CA GLN A 119 -2.57 24.29 2.86
C GLN A 119 -1.14 23.85 3.13
N CYS A 120 -0.63 24.31 4.25
CA CYS A 120 0.74 24.02 4.67
C CYS A 120 1.01 22.52 4.84
N VAL A 121 0.16 21.84 5.61
CA VAL A 121 0.33 20.42 5.83
C VAL A 121 0.49 19.70 4.47
N LYS A 122 -0.23 20.19 3.46
CA LYS A 122 -0.15 19.63 2.13
C LYS A 122 1.18 20.02 1.49
N GLU A 123 1.58 21.25 1.76
CA GLU A 123 2.82 21.82 1.24
C GLU A 123 4.06 21.14 1.81
N LEU A 124 4.24 21.31 3.12
CA LEU A 124 5.38 20.78 3.85
C LEU A 124 5.40 19.30 4.20
N TYR A 125 4.25 18.74 4.57
CA TYR A 125 4.22 17.32 4.95
C TYR A 125 3.59 16.45 3.87
N ARG A 126 3.28 17.06 2.75
CA ARG A 126 2.70 16.35 1.60
C ARG A 126 1.48 15.53 1.95
N GLY A 127 0.70 15.98 2.93
CA GLY A 127 -0.48 15.24 3.34
C GLY A 127 -1.74 15.53 2.57
N GLY A 128 -2.44 14.47 2.17
CA GLY A 128 -3.68 14.66 1.45
C GLY A 128 -4.82 14.80 2.44
N LEU A 129 -5.83 15.58 2.10
CA LEU A 129 -6.99 15.76 2.98
C LEU A 129 -8.14 14.89 2.50
N GLU A 130 -8.66 14.06 3.39
CA GLU A 130 -9.76 13.19 3.02
C GLU A 130 -10.98 13.59 3.85
N PRO A 131 -12.10 13.90 3.17
CA PRO A 131 -13.34 14.29 3.84
C PRO A 131 -14.04 13.05 4.38
N ILE A 132 -14.24 13.01 5.70
CA ILE A 132 -14.86 11.85 6.30
C ILE A 132 -16.06 12.25 7.17
N ASN A 133 -16.99 11.31 7.36
CA ASN A 133 -18.17 11.59 8.17
C ASN A 133 -18.07 10.96 9.55
N PHE A 134 -17.60 11.74 10.52
CA PHE A 134 -17.46 11.28 11.90
C PHE A 134 -18.78 11.44 12.66
N GLN A 135 -19.36 12.63 12.56
CA GLN A 135 -20.61 12.93 13.26
C GLN A 135 -21.66 11.83 13.21
N THR A 136 -21.97 11.33 12.02
CA THR A 136 -22.98 10.28 11.92
C THR A 136 -22.53 8.95 11.35
N ALA A 137 -21.23 8.77 11.15
CA ALA A 137 -20.71 7.51 10.62
C ALA A 137 -19.28 7.25 11.08
N ALA A 138 -19.01 7.47 12.36
CA ALA A 138 -17.69 7.26 12.90
C ALA A 138 -17.30 5.79 12.73
N ASP A 139 -18.32 4.94 12.66
CA ASP A 139 -18.13 3.52 12.50
C ASP A 139 -17.47 3.22 11.15
N GLN A 140 -17.95 3.90 10.12
CA GLN A 140 -17.44 3.72 8.77
C GLN A 140 -16.10 4.44 8.59
N ALA A 141 -15.96 5.60 9.22
CA ALA A 141 -14.73 6.38 9.14
C ALA A 141 -13.54 5.54 9.61
N ARG A 142 -13.70 4.93 10.79
CA ARG A 142 -12.67 4.10 11.39
C ARG A 142 -12.18 2.99 10.46
N GLU A 143 -13.12 2.26 9.86
CA GLU A 143 -12.76 1.17 8.97
C GLU A 143 -12.15 1.64 7.65
N LEU A 144 -12.48 2.86 7.24
CA LEU A 144 -11.91 3.42 6.02
C LEU A 144 -10.44 3.70 6.29
N ILE A 145 -10.19 4.34 7.42
CA ILE A 145 -8.85 4.70 7.83
C ILE A 145 -7.98 3.45 8.03
N ASN A 146 -8.47 2.48 8.81
CA ASN A 146 -7.68 1.27 9.04
C ASN A 146 -7.35 0.61 7.70
N SER A 147 -8.34 0.56 6.82
CA SER A 147 -8.20 -0.03 5.49
C SER A 147 -7.08 0.62 4.68
N TRP A 148 -6.90 1.93 4.85
CA TRP A 148 -5.87 2.68 4.13
C TRP A 148 -4.50 2.32 4.71
N VAL A 149 -4.41 2.32 6.03
CA VAL A 149 -3.16 1.98 6.67
C VAL A 149 -2.76 0.54 6.32
N GLU A 150 -3.74 -0.34 6.27
CA GLU A 150 -3.51 -1.73 5.96
C GLU A 150 -2.91 -1.87 4.57
N SER A 151 -3.49 -1.17 3.61
CA SER A 151 -3.00 -1.22 2.23
C SER A 151 -1.63 -0.57 2.03
N GLN A 152 -1.32 0.47 2.80
CA GLN A 152 -0.02 1.11 2.66
C GLN A 152 1.08 0.22 3.25
N THR A 153 0.70 -0.70 4.13
CA THR A 153 1.67 -1.61 4.76
C THR A 153 1.52 -3.03 4.25
N ASN A 154 1.02 -3.19 3.03
CA ASN A 154 0.85 -4.51 2.44
C ASN A 154 0.15 -5.52 3.32
N GLY A 155 -0.86 -5.08 4.04
CA GLY A 155 -1.62 -5.98 4.90
C GLY A 155 -0.98 -6.33 6.23
N ILE A 156 0.21 -5.83 6.49
CA ILE A 156 0.91 -6.15 7.72
C ILE A 156 0.37 -5.46 8.96
N ILE A 157 -0.02 -4.20 8.82
CA ILE A 157 -0.57 -3.45 9.96
C ILE A 157 -2.08 -3.29 9.81
N ARG A 158 -2.82 -4.06 10.59
CA ARG A 158 -4.27 -4.04 10.55
C ARG A 158 -4.91 -3.42 11.79
N ASN A 159 -6.11 -2.87 11.59
CA ASN A 159 -6.89 -2.23 12.65
C ASN A 159 -6.05 -1.35 13.55
N VAL A 160 -5.33 -0.40 12.95
CA VAL A 160 -4.49 0.49 13.72
C VAL A 160 -5.34 1.26 14.74
N LEU A 161 -6.64 1.42 14.44
CA LEU A 161 -7.57 2.12 15.32
C LEU A 161 -8.56 1.11 15.92
N GLN A 162 -8.55 0.98 17.25
CA GLN A 162 -9.47 0.05 17.92
C GLN A 162 -10.86 0.66 18.04
N PRO A 163 -11.89 -0.18 18.21
CA PRO A 163 -13.27 0.29 18.34
C PRO A 163 -13.47 1.52 19.22
N SER A 164 -14.28 2.44 18.71
CA SER A 164 -14.58 3.70 19.38
C SER A 164 -13.35 4.41 19.94
N SER A 165 -12.36 4.56 19.08
CA SER A 165 -11.13 5.28 19.40
C SER A 165 -11.39 6.64 18.76
N VAL A 166 -12.52 6.68 18.04
CA VAL A 166 -13.04 7.84 17.33
C VAL A 166 -14.57 7.74 17.43
N ASP A 167 -15.23 8.87 17.60
CA ASP A 167 -16.69 8.89 17.70
C ASP A 167 -17.27 10.13 17.06
N SER A 168 -18.54 10.43 17.36
CA SER A 168 -19.22 11.59 16.81
C SER A 168 -18.63 12.92 17.26
N GLN A 169 -17.65 12.86 18.16
CA GLN A 169 -17.01 14.05 18.69
C GLN A 169 -15.59 14.23 18.13
N THR A 170 -15.21 13.36 17.19
CA THR A 170 -13.89 13.43 16.58
C THR A 170 -13.91 14.46 15.45
N ALA A 171 -12.96 15.40 15.49
CA ALA A 171 -12.88 16.44 14.48
C ALA A 171 -11.87 16.08 13.39
N MET A 172 -10.78 15.42 13.78
CA MET A 172 -9.74 15.06 12.84
C MET A 172 -8.80 13.93 13.29
N VAL A 173 -8.32 13.17 12.32
CA VAL A 173 -7.39 12.09 12.60
C VAL A 173 -6.16 12.23 11.73
N LEU A 174 -5.04 12.47 12.36
CA LEU A 174 -3.76 12.55 11.66
C LEU A 174 -3.20 11.14 11.65
N VAL A 175 -2.71 10.68 10.51
CA VAL A 175 -2.13 9.34 10.46
C VAL A 175 -1.10 9.21 9.34
N ASN A 176 -0.02 8.49 9.64
CA ASN A 176 1.01 8.25 8.63
C ASN A 176 1.36 6.77 8.53
N ALA A 177 1.94 6.39 7.39
CA ALA A 177 2.34 5.01 7.15
C ALA A 177 3.77 5.03 6.61
N ILE A 178 4.61 4.14 7.11
CA ILE A 178 5.99 4.09 6.69
C ILE A 178 6.40 2.72 6.19
N VAL A 179 7.15 2.72 5.09
CA VAL A 179 7.63 1.50 4.48
C VAL A 179 9.11 1.61 4.17
N PHE A 180 9.88 0.69 4.72
CA PHE A 180 11.31 0.66 4.49
C PHE A 180 11.77 -0.74 4.08
N LYS A 181 12.54 -0.79 2.99
CA LYS A 181 13.05 -2.05 2.45
C LYS A 181 14.49 -1.79 2.07
N GLY A 182 15.42 -2.48 2.74
CA GLY A 182 16.81 -2.23 2.43
C GLY A 182 17.73 -3.43 2.35
N LEU A 183 18.48 -3.48 1.26
CA LEU A 183 19.45 -4.54 1.01
C LEU A 183 20.75 -4.35 1.75
N TRP A 184 21.23 -5.42 2.37
CA TRP A 184 22.50 -5.36 3.07
C TRP A 184 23.58 -5.18 2.00
N GLU A 185 24.63 -4.45 2.32
CA GLU A 185 25.70 -4.30 1.36
C GLU A 185 26.37 -5.68 1.27
N LYS A 186 26.62 -6.29 2.42
CA LYS A 186 27.23 -7.63 2.49
C LYS A 186 26.18 -8.59 3.05
N THR A 187 25.42 -9.21 2.17
CA THR A 187 24.38 -10.14 2.57
C THR A 187 24.91 -11.41 3.23
N PHE A 188 23.99 -12.23 3.73
CA PHE A 188 24.33 -13.50 4.36
C PHE A 188 23.88 -14.59 3.39
N LYS A 189 24.52 -15.75 3.48
CA LYS A 189 24.16 -16.87 2.62
C LYS A 189 23.12 -17.72 3.35
N ASP A 190 22.11 -18.16 2.61
CA ASP A 190 21.05 -19.00 3.16
C ASP A 190 21.65 -20.25 3.81
N GLU A 191 22.49 -20.94 3.02
CA GLU A 191 23.16 -22.16 3.45
C GLU A 191 23.86 -22.07 4.80
N ASP A 192 24.54 -20.96 5.06
CA ASP A 192 25.26 -20.80 6.31
C ASP A 192 24.36 -20.50 7.50
N THR A 193 23.04 -20.53 7.28
CA THR A 193 22.11 -20.26 8.37
C THR A 193 21.70 -21.56 9.08
N GLN A 194 21.99 -21.64 10.37
CA GLN A 194 21.65 -22.84 11.14
C GLN A 194 20.90 -22.53 12.42
N ALA A 195 20.44 -23.58 13.10
CA ALA A 195 19.72 -23.43 14.36
C ALA A 195 20.77 -23.18 15.43
N MET A 196 20.39 -22.49 16.50
CA MET A 196 21.33 -22.19 17.57
C MET A 196 20.60 -21.66 18.78
N PRO A 197 21.12 -21.93 19.98
CA PRO A 197 20.48 -21.47 21.21
C PRO A 197 20.64 -19.98 21.50
N PHE A 198 19.52 -19.29 21.70
CA PHE A 198 19.55 -17.87 22.03
C PHE A 198 19.29 -17.77 23.52
N ARG A 199 20.31 -17.43 24.27
CA ARG A 199 20.20 -17.32 25.72
C ARG A 199 19.46 -16.09 26.21
N VAL A 200 18.16 -16.24 26.45
CA VAL A 200 17.31 -15.17 26.95
C VAL A 200 17.83 -14.74 28.32
N THR A 201 17.55 -15.54 29.34
CA THR A 201 18.03 -15.23 30.67
C THR A 201 19.35 -15.97 30.80
N GLU A 202 20.11 -15.64 31.84
CA GLU A 202 21.39 -16.30 32.07
C GLU A 202 21.12 -17.77 32.43
N GLN A 203 19.85 -18.15 32.39
CA GLN A 203 19.43 -19.52 32.71
C GLN A 203 18.14 -19.84 31.96
N GLU A 204 18.23 -19.90 30.64
CA GLU A 204 17.06 -20.19 29.80
C GLU A 204 17.42 -19.92 28.33
N SER A 205 17.38 -20.97 27.50
CA SER A 205 17.70 -20.83 26.09
C SER A 205 16.51 -21.11 25.18
N LYS A 206 16.69 -20.85 23.89
CA LYS A 206 15.64 -21.04 22.90
C LYS A 206 16.24 -21.11 21.49
N PRO A 207 15.78 -22.08 20.69
CA PRO A 207 16.25 -22.28 19.30
C PRO A 207 15.81 -21.18 18.34
N VAL A 208 16.78 -20.63 17.60
CA VAL A 208 16.51 -19.56 16.64
C VAL A 208 17.44 -19.67 15.43
N GLN A 209 16.89 -19.42 14.24
CA GLN A 209 17.71 -19.46 13.03
C GLN A 209 18.80 -18.39 13.13
N MET A 210 20.04 -18.83 13.21
CA MET A 210 21.17 -17.90 13.35
C MET A 210 21.91 -17.71 12.03
N MET A 211 21.88 -16.50 11.50
CA MET A 211 22.56 -16.17 10.25
C MET A 211 24.05 -16.06 10.55
N TYR A 212 24.88 -16.30 9.55
CA TYR A 212 26.32 -16.21 9.75
C TYR A 212 27.14 -15.80 8.53
N GLN A 213 28.24 -15.08 8.78
CA GLN A 213 29.13 -14.68 7.71
C GLN A 213 30.43 -14.11 8.26
N ILE A 214 31.47 -14.13 7.43
CA ILE A 214 32.78 -13.60 7.78
C ILE A 214 33.04 -12.50 6.76
N GLY A 215 33.72 -11.44 7.18
CA GLY A 215 34.02 -10.36 6.27
C GLY A 215 34.52 -9.15 7.03
N LEU A 216 34.80 -8.08 6.32
CA LEU A 216 35.30 -6.85 6.93
C LEU A 216 34.15 -5.96 7.39
N PHE A 217 34.17 -5.57 8.67
CA PHE A 217 33.15 -4.73 9.27
C PHE A 217 33.78 -3.83 10.33
N ARG A 218 33.20 -2.64 10.53
CA ARG A 218 33.75 -1.76 11.55
C ARG A 218 33.18 -2.22 12.89
N VAL A 219 34.05 -2.24 13.90
CA VAL A 219 33.67 -2.68 15.23
C VAL A 219 34.35 -1.80 16.26
N ALA A 220 33.84 -1.83 17.49
CA ALA A 220 34.42 -1.05 18.57
C ALA A 220 34.28 -1.87 19.85
N SER A 221 35.38 -1.99 20.59
CA SER A 221 35.37 -2.75 21.83
C SER A 221 35.33 -1.82 23.02
N MET A 222 34.30 -1.95 23.83
CA MET A 222 34.12 -1.10 25.00
C MET A 222 34.44 -1.84 26.29
N ALA A 223 35.57 -2.54 26.31
CA ALA A 223 36.00 -3.27 27.51
C ALA A 223 36.24 -2.22 28.60
N SER A 224 35.20 -2.00 29.38
CA SER A 224 35.19 -1.02 30.48
C SER A 224 33.72 -0.71 30.65
N GLU A 225 32.95 -1.26 29.72
CA GLU A 225 31.50 -1.14 29.68
C GLU A 225 31.00 -2.52 29.32
N LYS A 226 31.94 -3.43 29.15
CA LYS A 226 31.66 -4.82 28.82
C LYS A 226 30.74 -4.97 27.61
N MET A 227 31.04 -4.24 26.54
CA MET A 227 30.21 -4.34 25.35
C MET A 227 30.96 -4.05 24.05
N LYS A 228 30.33 -4.45 22.95
CA LYS A 228 30.89 -4.24 21.62
C LYS A 228 29.82 -3.65 20.72
N ILE A 229 30.25 -3.00 19.64
CA ILE A 229 29.30 -2.40 18.71
C ILE A 229 29.67 -2.79 17.27
N LEU A 230 28.69 -3.31 16.55
CA LEU A 230 28.91 -3.74 15.17
C LEU A 230 28.11 -2.89 14.15
N GLU A 231 28.77 -2.43 13.09
CA GLU A 231 28.06 -1.66 12.07
C GLU A 231 27.88 -2.46 10.78
N LEU A 232 26.62 -2.69 10.42
CA LEU A 232 26.30 -3.42 9.20
C LEU A 232 25.70 -2.43 8.19
N PRO A 233 26.51 -1.97 7.23
CA PRO A 233 25.97 -1.02 6.26
C PRO A 233 24.97 -1.63 5.28
N PHE A 234 24.01 -0.81 4.85
CA PHE A 234 23.02 -1.23 3.86
C PHE A 234 23.69 -0.95 2.52
N ALA A 235 23.23 -1.57 1.46
CA ALA A 235 23.84 -1.39 0.14
C ALA A 235 23.82 0.04 -0.42
N SER A 236 22.85 0.84 0.03
CA SER A 236 22.72 2.21 -0.46
C SER A 236 23.95 3.06 -0.14
N GLY A 237 24.61 2.75 0.97
CA GLY A 237 25.77 3.50 1.40
C GLY A 237 25.37 4.71 2.23
N THR A 238 24.08 4.93 2.36
CA THR A 238 23.55 6.07 3.11
C THR A 238 22.95 5.70 4.46
N MET A 239 22.86 4.39 4.74
CA MET A 239 22.30 3.92 6.00
C MET A 239 23.03 2.68 6.52
N SER A 240 22.97 2.49 7.83
CA SER A 240 23.61 1.35 8.47
C SER A 240 22.87 0.97 9.76
N MET A 241 23.06 -0.26 10.20
CA MET A 241 22.43 -0.70 11.42
C MET A 241 23.53 -0.91 12.44
N LEU A 242 23.37 -0.30 13.60
CA LEU A 242 24.34 -0.41 14.65
C LEU A 242 23.77 -1.43 15.64
N VAL A 243 24.61 -2.38 16.03
CA VAL A 243 24.20 -3.42 16.97
C VAL A 243 25.03 -3.31 18.23
N LEU A 244 24.38 -3.02 19.36
CA LEU A 244 25.07 -2.90 20.63
C LEU A 244 24.86 -4.22 21.38
N LEU A 245 25.95 -4.95 21.58
CA LEU A 245 25.91 -6.25 22.24
C LEU A 245 26.67 -6.23 23.55
N PRO A 246 25.97 -6.48 24.67
CA PRO A 246 26.68 -6.49 25.95
C PRO A 246 27.44 -7.83 26.05
N ASP A 247 28.64 -7.80 26.64
CA ASP A 247 29.44 -9.02 26.78
C ASP A 247 28.76 -10.11 27.59
N GLU A 248 28.22 -9.77 28.75
CA GLU A 248 27.54 -10.73 29.62
C GLU A 248 26.09 -10.96 29.22
N VAL A 249 25.67 -12.22 29.26
CA VAL A 249 24.32 -12.64 28.88
C VAL A 249 23.20 -11.78 29.43
N SER A 250 23.46 -11.07 30.53
CA SER A 250 22.44 -10.22 31.13
C SER A 250 22.95 -8.83 31.43
N GLY A 251 23.96 -8.39 30.68
CA GLY A 251 24.51 -7.06 30.88
C GLY A 251 23.67 -5.99 30.21
N LEU A 252 22.55 -6.40 29.63
CA LEU A 252 21.66 -5.48 28.95
C LEU A 252 21.00 -4.52 29.92
N GLU A 253 20.59 -5.04 31.07
CA GLU A 253 19.93 -4.23 32.09
C GLU A 253 20.84 -3.14 32.64
N GLN A 254 22.13 -3.22 32.31
CA GLN A 254 23.07 -2.22 32.79
C GLN A 254 23.31 -1.19 31.66
N LEU A 255 23.36 -1.71 30.44
CA LEU A 255 23.58 -0.89 29.25
C LEU A 255 22.43 0.07 28.99
N GLU A 256 21.20 -0.37 29.25
CA GLU A 256 20.02 0.45 29.03
C GLU A 256 19.95 1.63 30.01
N SER A 257 20.84 1.63 30.99
CA SER A 257 20.86 2.69 32.00
C SER A 257 21.74 3.88 31.63
N ILE A 258 22.92 3.61 31.07
CA ILE A 258 23.83 4.69 30.72
C ILE A 258 23.76 5.16 29.27
N ILE A 259 23.06 4.44 28.41
CA ILE A 259 22.98 4.83 27.02
C ILE A 259 22.21 6.12 26.75
N ASN A 260 22.75 6.93 25.86
CA ASN A 260 22.14 8.20 25.46
C ASN A 260 22.88 8.72 24.23
N PHE A 261 22.43 9.85 23.69
CA PHE A 261 23.05 10.43 22.51
C PHE A 261 24.56 10.66 22.70
N GLU A 262 24.95 11.16 23.87
CA GLU A 262 26.37 11.39 24.15
C GLU A 262 27.16 10.10 23.96
N LYS A 263 26.87 9.10 24.79
CA LYS A 263 27.55 7.81 24.72
C LYS A 263 27.56 7.21 23.32
N LEU A 264 26.40 7.16 22.69
CA LEU A 264 26.30 6.59 21.35
C LEU A 264 27.23 7.31 20.40
N THR A 265 27.17 8.63 20.41
CA THR A 265 28.02 9.43 19.55
C THR A 265 29.47 9.13 19.91
N GLU A 266 29.71 8.99 21.21
CA GLU A 266 31.04 8.72 21.74
C GLU A 266 31.57 7.34 21.31
N TRP A 267 30.70 6.34 21.35
CA TRP A 267 31.09 4.98 20.99
C TRP A 267 31.17 4.71 19.50
N THR A 268 30.54 5.55 18.69
CA THR A 268 30.54 5.35 17.24
C THR A 268 31.53 6.28 16.55
N SER A 269 32.47 6.82 17.32
CA SER A 269 33.49 7.71 16.79
C SER A 269 34.51 6.98 15.93
N SER A 270 35.42 7.74 15.33
CA SER A 270 36.45 7.20 14.45
C SER A 270 37.55 6.46 15.20
N ASN A 271 38.10 7.12 16.22
CA ASN A 271 39.16 6.55 17.03
C ASN A 271 38.68 5.37 17.88
N VAL A 272 37.39 5.07 17.79
CA VAL A 272 36.81 3.97 18.57
C VAL A 272 36.54 2.75 17.69
N MET A 273 35.89 2.97 16.55
CA MET A 273 35.57 1.89 15.62
C MET A 273 36.64 1.76 14.55
N GLU A 274 37.05 0.53 14.29
CA GLU A 274 38.06 0.26 13.28
C GLU A 274 37.65 -0.96 12.47
N GLU A 275 38.06 -0.99 11.21
CA GLU A 275 37.71 -2.12 10.35
C GLU A 275 38.51 -3.36 10.72
N ARG A 276 37.83 -4.49 10.76
CA ARG A 276 38.46 -5.76 11.10
C ARG A 276 37.70 -6.87 10.38
N LYS A 277 38.38 -7.98 10.16
CA LYS A 277 37.76 -9.13 9.49
C LYS A 277 37.25 -10.01 10.64
N ILE A 278 35.94 -10.20 10.74
CA ILE A 278 35.40 -10.99 11.84
C ILE A 278 34.21 -11.89 11.50
N LYS A 279 33.91 -12.79 12.43
CA LYS A 279 32.79 -13.72 12.27
C LYS A 279 31.56 -13.07 12.86
N VAL A 280 30.45 -13.12 12.13
CA VAL A 280 29.23 -12.50 12.61
C VAL A 280 28.03 -13.43 12.63
N TYR A 281 27.44 -13.58 13.80
CA TYR A 281 26.26 -14.42 13.94
C TYR A 281 25.14 -13.47 14.39
N LEU A 282 24.09 -13.41 13.59
CA LEU A 282 22.95 -12.55 13.87
C LEU A 282 21.71 -13.33 13.59
N PRO A 283 20.78 -13.36 14.54
CA PRO A 283 19.54 -14.11 14.31
C PRO A 283 18.58 -13.40 13.39
N ARG A 284 17.80 -14.19 12.66
CA ARG A 284 16.77 -13.63 11.81
C ARG A 284 15.81 -13.10 12.86
N MET A 285 15.27 -11.92 12.65
CA MET A 285 14.33 -11.37 13.63
C MET A 285 13.03 -10.99 12.96
N LYS A 286 11.95 -11.04 13.74
CA LYS A 286 10.64 -10.67 13.27
C LYS A 286 9.93 -10.07 14.47
N MET A 287 9.72 -8.75 14.44
CA MET A 287 9.09 -8.05 15.54
C MET A 287 7.81 -7.34 15.18
N GLU A 288 6.86 -7.38 16.10
CA GLU A 288 5.55 -6.76 15.93
C GLU A 288 5.15 -6.12 17.26
N GLU A 289 5.10 -4.80 17.29
CA GLU A 289 4.74 -4.08 18.51
C GLU A 289 3.74 -2.95 18.26
N LYS A 290 2.96 -2.63 19.28
CA LYS A 290 1.97 -1.56 19.21
C LYS A 290 2.01 -0.83 20.54
N TYR A 291 1.98 0.49 20.49
CA TYR A 291 2.04 1.30 21.70
C TYR A 291 0.99 2.42 21.75
N ASN A 292 0.64 2.81 22.97
CA ASN A 292 -0.30 3.91 23.16
C ASN A 292 0.63 5.07 23.50
N LEU A 293 0.71 6.06 22.63
CA LEU A 293 1.60 7.18 22.87
C LEU A 293 1.12 8.15 23.92
N THR A 294 -0.19 8.17 24.17
CA THR A 294 -0.78 9.07 25.14
C THR A 294 -0.06 8.99 26.48
N SER A 295 0.08 7.79 27.01
CA SER A 295 0.75 7.64 28.30
C SER A 295 2.22 7.98 28.20
N VAL A 296 2.85 7.56 27.10
CA VAL A 296 4.27 7.80 26.87
C VAL A 296 4.61 9.29 26.83
N LEU A 297 3.91 10.04 25.98
CA LEU A 297 4.15 11.47 25.83
C LEU A 297 3.78 12.23 27.10
N MET A 298 2.69 11.81 27.74
CA MET A 298 2.25 12.43 28.98
C MET A 298 3.33 12.27 30.03
N ALA A 299 3.89 11.07 30.11
CA ALA A 299 4.95 10.83 31.09
C ALA A 299 6.17 11.70 30.77
N MET A 300 6.47 11.85 29.49
CA MET A 300 7.62 12.64 29.05
C MET A 300 7.51 14.13 29.35
N GLY A 301 6.31 14.59 29.70
CA GLY A 301 6.14 16.00 30.01
C GLY A 301 5.15 16.78 29.17
N ILE A 302 4.66 16.16 28.09
CA ILE A 302 3.68 16.82 27.23
C ILE A 302 2.28 16.50 27.73
N THR A 303 1.67 17.45 28.41
CA THR A 303 0.34 17.20 28.96
C THR A 303 -0.80 18.08 28.46
N ASP A 304 -0.56 19.36 28.23
CA ASP A 304 -1.65 20.24 27.80
C ASP A 304 -2.38 19.82 26.53
N VAL A 305 -1.68 19.22 25.57
CA VAL A 305 -2.36 18.80 24.34
C VAL A 305 -3.44 17.76 24.60
N PHE A 306 -3.40 17.13 25.76
CA PHE A 306 -4.39 16.11 26.11
C PHE A 306 -5.42 16.65 27.09
N SER A 307 -5.24 17.91 27.49
CA SER A 307 -6.13 18.48 28.48
C SER A 307 -7.26 19.34 27.95
N SER A 308 -8.11 19.73 28.89
CA SER A 308 -9.26 20.58 28.61
C SER A 308 -8.73 21.97 28.28
N SER A 309 -7.56 22.30 28.80
CA SER A 309 -6.95 23.60 28.59
C SER A 309 -5.95 23.57 27.45
N ALA A 310 -6.23 22.77 26.43
CA ALA A 310 -5.35 22.65 25.27
C ALA A 310 -5.63 23.73 24.22
N ASN A 311 -4.58 24.20 23.57
CA ASN A 311 -4.76 25.22 22.54
C ASN A 311 -4.30 24.77 21.15
N LEU A 312 -5.27 24.41 20.32
CA LEU A 312 -4.99 24.00 18.95
C LEU A 312 -5.79 24.91 18.01
N SER A 313 -5.86 26.19 18.38
CA SER A 313 -6.59 27.19 17.61
C SER A 313 -5.96 27.39 16.23
N GLY A 314 -4.72 26.96 16.08
CA GLY A 314 -4.06 27.06 14.80
C GLY A 314 -4.65 26.07 13.83
N ILE A 315 -5.51 25.17 14.30
CA ILE A 315 -6.13 24.18 13.42
C ILE A 315 -7.57 24.57 13.17
N SER A 316 -8.17 25.21 14.17
CA SER A 316 -9.56 25.63 14.09
C SER A 316 -9.89 26.61 15.19
N SER A 317 -10.41 27.77 14.80
CA SER A 317 -10.80 28.81 15.77
C SER A 317 -12.20 28.50 16.24
N ALA A 318 -12.94 27.75 15.43
CA ALA A 318 -14.31 27.40 15.75
C ALA A 318 -14.51 26.76 17.11
N GLU A 319 -14.18 25.47 17.22
CA GLU A 319 -14.36 24.76 18.49
C GLU A 319 -13.05 24.48 19.20
N SER A 320 -13.15 24.25 20.51
CA SER A 320 -11.98 23.93 21.32
C SER A 320 -11.64 22.46 21.05
N LEU A 321 -10.36 22.16 20.83
CA LEU A 321 -9.96 20.79 20.52
C LEU A 321 -8.77 20.30 21.33
N LYS A 322 -8.59 18.97 21.32
CA LYS A 322 -7.49 18.33 22.03
C LYS A 322 -7.21 16.95 21.42
N ILE A 323 -6.06 16.37 21.76
CA ILE A 323 -5.73 15.05 21.25
C ILE A 323 -6.45 14.04 22.14
N SER A 324 -7.24 13.20 21.51
CA SER A 324 -8.01 12.17 22.21
C SER A 324 -7.12 10.94 22.47
N GLN A 325 -6.49 10.43 21.42
CA GLN A 325 -5.61 9.28 21.57
C GLN A 325 -4.51 9.36 20.51
N ALA A 326 -3.41 8.68 20.78
CA ALA A 326 -2.26 8.64 19.88
C ALA A 326 -1.71 7.22 19.93
N VAL A 327 -1.49 6.63 18.76
CA VAL A 327 -1.00 5.26 18.67
C VAL A 327 0.13 5.06 17.67
N HIS A 328 0.97 4.07 17.94
CA HIS A 328 2.08 3.73 17.06
C HIS A 328 2.29 2.22 16.93
N ALA A 329 2.14 1.70 15.72
CA ALA A 329 2.34 0.29 15.43
C ALA A 329 3.54 0.15 14.53
N ALA A 330 4.32 -0.92 14.71
CA ALA A 330 5.52 -1.15 13.90
C ALA A 330 5.84 -2.63 13.77
N HIS A 331 6.26 -3.04 12.57
CA HIS A 331 6.62 -4.43 12.29
C HIS A 331 7.95 -4.44 11.55
N ALA A 332 8.87 -5.28 12.00
CA ALA A 332 10.18 -5.38 11.36
C ALA A 332 10.63 -6.81 11.14
N GLU A 333 11.31 -7.03 10.03
CA GLU A 333 11.86 -8.33 9.68
C GLU A 333 13.31 -8.14 9.25
N ILE A 334 14.20 -8.93 9.84
CA ILE A 334 15.61 -8.85 9.52
C ILE A 334 16.11 -10.23 9.16
N ASN A 335 16.45 -10.40 7.87
CA ASN A 335 16.93 -11.68 7.39
C ASN A 335 18.24 -11.59 6.62
N GLU A 336 18.54 -12.63 5.84
CA GLU A 336 19.78 -12.71 5.05
C GLU A 336 19.97 -11.61 4.01
N ALA A 337 18.90 -11.28 3.29
CA ALA A 337 18.97 -10.25 2.24
C ALA A 337 18.96 -8.80 2.75
N GLY A 338 18.43 -8.58 3.95
CA GLY A 338 18.38 -7.24 4.50
C GLY A 338 17.27 -7.06 5.54
N THR A 339 16.67 -5.88 5.59
CA THR A 339 15.60 -5.66 6.54
C THR A 339 14.40 -4.92 5.95
N GLU A 340 13.22 -5.28 6.48
CA GLU A 340 11.95 -4.69 6.06
C GLU A 340 11.22 -4.14 7.26
N VAL A 341 10.72 -2.91 7.15
CA VAL A 341 9.96 -2.29 8.23
C VAL A 341 8.75 -1.56 7.68
N VAL A 342 7.61 -1.73 8.34
CA VAL A 342 6.38 -1.05 7.99
C VAL A 342 5.89 -0.50 9.32
N GLY A 343 5.23 0.66 9.28
CA GLY A 343 4.77 1.25 10.52
C GLY A 343 3.69 2.30 10.33
N SER A 344 3.22 2.82 11.45
CA SER A 344 2.17 3.81 11.43
C SER A 344 2.06 4.56 12.74
N ALA A 345 1.98 5.88 12.65
CA ALA A 345 1.81 6.72 13.82
C ALA A 345 0.45 7.38 13.52
N GLU A 346 -0.37 7.54 14.56
CA GLU A 346 -1.70 8.10 14.40
C GLU A 346 -2.11 8.92 15.63
N ALA A 347 -2.99 9.89 15.42
CA ALA A 347 -3.49 10.73 16.53
C ALA A 347 -4.89 11.27 16.21
N GLY A 348 -5.79 11.19 17.19
CA GLY A 348 -7.13 11.70 17.02
C GLY A 348 -7.32 13.04 17.72
N VAL A 349 -8.01 13.97 17.05
CA VAL A 349 -8.28 15.28 17.62
C VAL A 349 -9.78 15.38 17.84
N ASP A 350 -10.18 15.47 19.11
CA ASP A 350 -11.60 15.54 19.45
C ASP A 350 -11.99 16.88 20.02
N ALA A 351 -13.29 17.16 19.99
CA ALA A 351 -13.84 18.40 20.53
C ALA A 351 -13.59 18.40 22.03
N ALA A 352 -12.76 19.33 22.50
CA ALA A 352 -12.45 19.43 23.93
C ALA A 352 -13.34 20.47 24.63
N GLU A 356 37.57 -10.81 17.14
CA GLU A 356 37.53 -11.65 15.94
C GLU A 356 36.13 -12.26 15.75
N GLU A 357 35.34 -12.26 16.81
CA GLU A 357 34.00 -12.82 16.74
C GLU A 357 32.94 -11.87 17.28
N PHE A 358 31.76 -11.92 16.67
CA PHE A 358 30.62 -11.10 17.09
C PHE A 358 29.38 -11.98 16.94
N ARG A 359 29.03 -12.70 18.00
CA ARG A 359 27.85 -13.54 17.94
C ARG A 359 26.79 -13.00 18.89
N ALA A 360 25.62 -12.71 18.33
CA ALA A 360 24.53 -12.18 19.12
C ALA A 360 23.52 -13.27 19.47
N ASP A 361 23.83 -14.02 20.54
CA ASP A 361 22.97 -15.10 21.01
C ASP A 361 22.27 -14.70 22.29
N HIS A 362 22.51 -13.48 22.75
CA HIS A 362 21.88 -12.94 23.95
C HIS A 362 21.31 -11.54 23.65
N PRO A 363 20.26 -11.12 24.37
CA PRO A 363 19.60 -9.81 24.19
C PRO A 363 20.52 -8.63 23.87
N PHE A 364 20.15 -7.88 22.84
CA PHE A 364 20.90 -6.72 22.37
C PHE A 364 20.00 -5.60 21.86
N LEU A 365 20.54 -4.39 21.80
CA LEU A 365 19.83 -3.23 21.28
C LEU A 365 20.33 -2.98 19.85
N PHE A 366 19.49 -2.39 19.02
CA PHE A 366 19.92 -2.07 17.67
C PHE A 366 19.15 -0.88 17.13
N CYS A 367 19.75 -0.20 16.17
CA CYS A 367 19.09 0.94 15.55
C CYS A 367 19.61 1.18 14.15
N ILE A 368 18.73 1.67 13.32
CA ILE A 368 19.06 1.96 11.95
C ILE A 368 19.14 3.47 11.88
N LYS A 369 20.23 3.98 11.33
CA LYS A 369 20.44 5.42 11.23
C LYS A 369 20.91 5.83 9.85
N HIS A 370 20.72 7.11 9.55
CA HIS A 370 21.12 7.72 8.30
C HIS A 370 22.56 8.21 8.56
N ILE A 371 23.51 7.68 7.81
CA ILE A 371 24.91 8.02 8.00
C ILE A 371 25.34 9.48 7.99
N ALA A 372 24.92 10.23 6.98
CA ALA A 372 25.33 11.64 6.88
C ALA A 372 24.69 12.59 7.88
N THR A 373 23.51 12.25 8.38
CA THR A 373 22.83 13.11 9.34
C THR A 373 22.75 12.59 10.75
N ASN A 374 23.07 11.31 10.93
CA ASN A 374 23.00 10.68 12.25
C ASN A 374 21.55 10.65 12.72
N ALA A 375 20.61 10.74 11.78
CA ALA A 375 19.20 10.69 12.11
C ALA A 375 18.83 9.23 12.38
N VAL A 376 18.13 8.99 13.48
CA VAL A 376 17.74 7.64 13.84
C VAL A 376 16.34 7.34 13.33
N LEU A 377 16.24 6.37 12.43
CA LEU A 377 14.96 5.98 11.84
C LEU A 377 14.26 4.88 12.62
N PHE A 378 15.02 3.87 13.05
CA PHE A 378 14.43 2.76 13.79
C PHE A 378 15.27 2.43 15.01
N PHE A 379 14.59 2.03 16.08
CA PHE A 379 15.29 1.65 17.29
C PHE A 379 14.57 0.43 17.86
N GLY A 380 15.34 -0.49 18.42
CA GLY A 380 14.72 -1.68 18.98
C GLY A 380 15.57 -2.43 19.97
N ARG A 381 14.89 -3.26 20.78
CA ARG A 381 15.54 -4.11 21.76
C ARG A 381 15.12 -5.54 21.40
N CYS A 382 16.08 -6.43 21.20
CA CYS A 382 15.76 -7.80 20.84
C CYS A 382 16.05 -8.78 21.98
N VAL A 383 14.99 -9.20 22.67
CA VAL A 383 15.13 -10.16 23.77
C VAL A 383 14.66 -11.52 23.30
N SER A 384 13.80 -11.55 22.28
CA SER A 384 13.27 -12.81 21.74
C SER A 384 13.13 -12.83 20.21
N PRO A 385 14.12 -13.38 19.51
CA PRO A 385 14.10 -13.47 18.04
C PRO A 385 12.85 -14.11 17.46
N GLY B 1 4.18 3.62 -5.86
CA GLY B 1 3.38 4.21 -4.74
C GLY B 1 2.66 3.16 -3.90
N SER B 2 1.67 2.51 -4.51
CA SER B 2 0.88 1.49 -3.83
C SER B 2 -0.04 0.80 -4.83
N ILE B 3 -0.63 -0.34 -4.44
CA ILE B 3 -1.49 -1.09 -5.34
C ILE B 3 -2.59 -0.23 -5.95
N GLY B 4 -3.02 0.79 -5.21
CA GLY B 4 -4.05 1.69 -5.70
C GLY B 4 -3.55 2.42 -6.93
N ALA B 5 -2.44 3.12 -6.79
CA ALA B 5 -1.84 3.87 -7.89
C ALA B 5 -1.40 2.93 -9.03
N ALA B 6 -0.94 1.74 -8.67
CA ALA B 6 -0.49 0.78 -9.68
C ALA B 6 -1.64 0.29 -10.55
N SER B 7 -2.78 -0.06 -9.94
CA SER B 7 -3.92 -0.53 -10.73
C SER B 7 -4.46 0.59 -11.63
N MET B 8 -4.32 1.83 -11.16
CA MET B 8 -4.77 3.00 -11.92
C MET B 8 -3.97 3.19 -13.20
N GLU B 9 -2.66 3.27 -13.05
CA GLU B 9 -1.78 3.45 -14.20
C GLU B 9 -1.84 2.28 -15.16
N PHE B 10 -1.89 1.06 -14.62
CA PHE B 10 -1.97 -0.12 -15.48
C PHE B 10 -3.27 -0.06 -16.27
N CYS B 11 -4.33 0.34 -15.58
CA CYS B 11 -5.65 0.45 -16.20
C CYS B 11 -5.63 1.39 -17.41
N PHE B 12 -5.04 2.57 -17.22
CA PHE B 12 -4.96 3.55 -18.30
C PHE B 12 -4.02 3.12 -19.41
N ASP B 13 -2.87 2.53 -19.07
CA ASP B 13 -1.94 2.09 -20.11
C ASP B 13 -2.60 1.02 -20.97
N VAL B 14 -3.56 0.29 -20.39
CA VAL B 14 -4.25 -0.73 -21.16
C VAL B 14 -5.31 -0.06 -22.01
N PHE B 15 -5.99 0.94 -21.46
CA PHE B 15 -7.03 1.64 -22.19
C PHE B 15 -6.47 2.27 -23.45
N LYS B 16 -5.35 2.99 -23.31
CA LYS B 16 -4.71 3.64 -24.43
C LYS B 16 -4.34 2.66 -25.54
N GLU B 17 -4.29 1.38 -25.19
CA GLU B 17 -3.93 0.35 -26.16
C GLU B 17 -5.18 -0.25 -26.81
N LEU B 18 -6.24 -0.40 -26.03
CA LEU B 18 -7.49 -0.95 -26.53
C LEU B 18 -8.33 0.04 -27.36
N LYS B 19 -8.31 1.32 -26.99
CA LYS B 19 -9.11 2.31 -27.71
C LYS B 19 -8.71 2.42 -29.19
N VAL B 20 -7.47 2.06 -29.49
CA VAL B 20 -6.96 2.10 -30.84
C VAL B 20 -7.54 0.99 -31.71
N HIS B 21 -7.81 -0.16 -31.12
CA HIS B 21 -8.34 -1.28 -31.89
C HIS B 21 -9.84 -1.43 -31.75
N HIS B 22 -10.44 -0.60 -30.90
CA HIS B 22 -11.87 -0.65 -30.68
C HIS B 22 -12.48 0.74 -30.64
N ALA B 23 -12.28 1.48 -31.73
CA ALA B 23 -12.84 2.82 -31.84
C ALA B 23 -14.34 2.69 -32.09
N ASN B 24 -15.10 3.59 -31.48
CA ASN B 24 -16.55 3.58 -31.63
C ASN B 24 -17.22 2.28 -31.20
N GLU B 25 -16.68 1.66 -30.15
CA GLU B 25 -17.25 0.43 -29.60
C GLU B 25 -17.23 0.59 -28.09
N ASN B 26 -18.12 -0.10 -27.39
CA ASN B 26 -18.06 -0.03 -25.94
C ASN B 26 -16.78 -0.78 -25.62
N ILE B 27 -16.21 -0.47 -24.47
CA ILE B 27 -15.01 -1.13 -24.00
C ILE B 27 -15.29 -1.39 -22.55
N PHE B 28 -14.92 -2.56 -22.07
CA PHE B 28 -15.13 -2.93 -20.68
C PHE B 28 -14.19 -4.07 -20.27
N TYR B 29 -13.50 -3.87 -19.16
CA TYR B 29 -12.60 -4.88 -18.68
C TYR B 29 -12.38 -4.68 -17.19
N CYS B 30 -11.74 -5.68 -16.58
CA CYS B 30 -11.43 -5.70 -15.15
C CYS B 30 -9.92 -5.68 -14.89
N PRO B 31 -9.35 -4.48 -14.60
CA PRO B 31 -7.91 -4.34 -14.34
C PRO B 31 -7.36 -5.32 -13.30
N ILE B 32 -8.07 -5.44 -12.19
CA ILE B 32 -7.70 -6.32 -11.08
C ILE B 32 -7.57 -7.79 -11.48
N ALA B 33 -8.53 -8.30 -12.24
CA ALA B 33 -8.45 -9.69 -12.67
C ALA B 33 -7.22 -9.90 -13.54
N ILE B 34 -6.90 -8.92 -14.38
CA ILE B 34 -5.76 -9.06 -15.25
C ILE B 34 -4.43 -9.00 -14.52
N MET B 35 -4.33 -8.13 -13.53
CA MET B 35 -3.07 -8.02 -12.80
C MET B 35 -2.81 -9.31 -12.00
N SER B 36 -3.89 -9.91 -11.52
CA SER B 36 -3.80 -11.13 -10.73
C SER B 36 -3.20 -12.27 -11.57
N ALA B 37 -3.74 -12.52 -12.76
CA ALA B 37 -3.22 -13.56 -13.63
C ALA B 37 -1.75 -13.25 -13.93
N LEU B 38 -1.48 -12.00 -14.25
CA LEU B 38 -0.13 -11.59 -14.58
C LEU B 38 0.81 -11.80 -13.38
N ALA B 39 0.27 -11.64 -12.18
CA ALA B 39 1.08 -11.80 -10.96
C ALA B 39 1.50 -13.26 -10.74
N MET B 40 0.61 -14.18 -11.09
CA MET B 40 0.92 -15.59 -10.93
C MET B 40 2.02 -15.98 -11.93
N VAL B 41 1.96 -15.44 -13.15
CA VAL B 41 2.99 -15.71 -14.15
C VAL B 41 4.33 -15.15 -13.64
N TYR B 42 4.31 -13.88 -13.25
CA TYR B 42 5.47 -13.16 -12.73
C TYR B 42 6.16 -13.95 -11.61
N LEU B 43 5.35 -14.63 -10.80
CA LEU B 43 5.81 -15.44 -9.68
C LEU B 43 6.91 -16.44 -10.10
N GLY B 44 6.78 -17.00 -11.30
CA GLY B 44 7.76 -17.96 -11.76
C GLY B 44 8.58 -17.53 -12.95
N ALA B 45 8.85 -16.22 -13.04
CA ALA B 45 9.62 -15.68 -14.14
C ALA B 45 10.94 -15.17 -13.60
N LYS B 46 11.98 -15.21 -14.42
CA LYS B 46 13.28 -14.74 -13.99
C LYS B 46 13.99 -13.93 -15.06
N ASP B 47 15.10 -13.31 -14.67
CA ASP B 47 15.90 -12.50 -15.59
C ASP B 47 15.05 -11.44 -16.27
N SER B 48 15.39 -11.14 -17.53
CA SER B 48 14.70 -10.14 -18.32
C SER B 48 13.18 -10.36 -18.36
N THR B 49 12.77 -11.60 -18.59
CA THR B 49 11.35 -11.91 -18.64
C THR B 49 10.65 -11.25 -17.46
N ARG B 50 11.14 -11.57 -16.26
CA ARG B 50 10.61 -11.05 -15.01
C ARG B 50 10.65 -9.53 -14.95
N THR B 51 11.84 -8.96 -15.03
CA THR B 51 12.00 -7.50 -14.97
C THR B 51 11.11 -6.75 -15.96
N GLN B 52 11.03 -7.25 -17.18
CA GLN B 52 10.22 -6.63 -18.22
C GLN B 52 8.74 -6.52 -17.84
N ILE B 53 8.26 -7.47 -17.05
CA ILE B 53 6.86 -7.45 -16.64
C ILE B 53 6.62 -6.38 -15.58
N ASN B 54 7.48 -6.34 -14.57
CA ASN B 54 7.35 -5.38 -13.49
C ASN B 54 7.54 -3.96 -14.02
N LYS B 55 8.43 -3.84 -15.00
CA LYS B 55 8.72 -2.55 -15.60
C LYS B 55 7.53 -1.98 -16.35
N VAL B 56 6.51 -2.79 -16.57
CA VAL B 56 5.32 -2.37 -17.31
C VAL B 56 4.05 -2.35 -16.48
N VAL B 57 3.99 -3.23 -15.48
CA VAL B 57 2.82 -3.27 -14.62
C VAL B 57 3.08 -2.52 -13.32
N ARG B 58 4.34 -2.37 -12.96
CA ARG B 58 4.75 -1.65 -11.76
C ARG B 58 4.00 -2.06 -10.49
N PHE B 59 3.87 -3.36 -10.26
CA PHE B 59 3.15 -3.83 -9.07
C PHE B 59 4.02 -4.47 -7.98
N ASP B 60 5.32 -4.58 -8.23
CA ASP B 60 6.23 -5.18 -7.24
C ASP B 60 7.23 -4.14 -6.74
N LYS B 61 7.08 -3.74 -5.47
CA LYS B 61 7.96 -2.73 -4.88
C LYS B 61 9.40 -3.18 -4.77
N LEU B 62 10.29 -2.40 -5.35
CA LEU B 62 11.72 -2.68 -5.32
C LEU B 62 12.28 -2.17 -3.99
N PRO B 63 13.43 -2.71 -3.55
CA PRO B 63 14.20 -3.76 -4.22
C PRO B 63 13.58 -5.13 -4.04
N GLY B 64 14.03 -6.09 -4.84
CA GLY B 64 13.51 -7.44 -4.74
C GLY B 64 14.46 -8.24 -3.85
N PHE B 65 13.90 -9.09 -2.98
CA PHE B 65 14.73 -9.89 -2.10
C PHE B 65 15.13 -11.25 -2.67
N GLY B 66 14.81 -11.48 -3.94
CA GLY B 66 15.17 -12.74 -4.58
C GLY B 66 14.06 -13.30 -5.47
N ASP B 67 14.45 -13.87 -6.60
CA ASP B 67 13.49 -14.45 -7.54
C ASP B 67 13.01 -15.78 -6.97
N SER B 68 13.52 -16.11 -5.79
CA SER B 68 13.17 -17.34 -5.11
C SER B 68 11.70 -17.32 -4.69
N ILE B 69 11.05 -18.47 -4.82
CA ILE B 69 9.65 -18.59 -4.43
C ILE B 69 9.52 -18.45 -2.92
N GLU B 70 10.55 -18.88 -2.19
CA GLU B 70 10.54 -18.79 -0.73
C GLU B 70 10.70 -17.33 -0.33
N ALA B 71 11.44 -16.58 -1.14
CA ALA B 71 11.66 -15.16 -0.90
C ALA B 71 10.35 -14.42 -1.14
N GLN B 72 9.93 -14.41 -2.39
CA GLN B 72 8.69 -13.75 -2.79
C GLN B 72 7.52 -14.05 -1.83
N CYS B 73 7.30 -15.33 -1.55
CA CYS B 73 6.19 -15.76 -0.69
C CYS B 73 6.52 -15.62 0.80
N GLY B 74 7.77 -15.28 1.10
CA GLY B 74 8.17 -15.13 2.48
C GLY B 74 8.83 -13.79 2.74
N THR B 75 8.46 -12.80 1.94
CA THR B 75 9.02 -11.45 2.06
C THR B 75 8.16 -10.56 2.95
N SER B 76 6.87 -10.45 2.60
CA SER B 76 5.92 -9.63 3.34
C SER B 76 5.72 -8.22 2.78
N VAL B 77 6.65 -7.74 1.94
CA VAL B 77 6.48 -6.43 1.33
C VAL B 77 6.77 -6.54 -0.17
N ASN B 78 5.84 -7.12 -0.90
CA ASN B 78 5.99 -7.33 -2.33
C ASN B 78 4.64 -7.35 -3.03
N VAL B 79 4.69 -7.42 -4.35
CA VAL B 79 3.50 -7.45 -5.19
C VAL B 79 2.47 -8.47 -4.72
N HIS B 80 2.95 -9.63 -4.31
CA HIS B 80 2.10 -10.71 -3.86
C HIS B 80 1.35 -10.46 -2.53
N SER B 81 2.00 -9.88 -1.54
CA SER B 81 1.32 -9.64 -0.29
C SER B 81 0.37 -8.45 -0.45
N SER B 82 0.75 -7.53 -1.34
CA SER B 82 -0.04 -6.35 -1.64
C SER B 82 -1.33 -6.73 -2.37
N LEU B 83 -1.18 -7.55 -3.41
CA LEU B 83 -2.34 -7.97 -4.18
C LEU B 83 -3.24 -8.85 -3.34
N ARG B 84 -2.63 -9.69 -2.49
CA ARG B 84 -3.37 -10.58 -1.61
C ARG B 84 -4.20 -9.76 -0.62
N ASP B 85 -3.60 -8.72 -0.07
CA ASP B 85 -4.29 -7.87 0.88
C ASP B 85 -5.50 -7.14 0.27
N ILE B 86 -5.31 -6.57 -0.90
CA ILE B 86 -6.40 -5.86 -1.52
C ILE B 86 -7.54 -6.84 -1.82
N LEU B 87 -7.20 -8.03 -2.30
CA LEU B 87 -8.24 -9.00 -2.59
C LEU B 87 -8.97 -9.39 -1.31
N ASN B 88 -8.23 -9.48 -0.21
CA ASN B 88 -8.82 -9.83 1.07
C ASN B 88 -9.83 -8.77 1.52
N GLN B 89 -9.40 -7.52 1.52
CA GLN B 89 -10.28 -6.43 1.93
C GLN B 89 -11.58 -6.32 1.15
N ILE B 90 -11.55 -6.56 -0.16
CA ILE B 90 -12.75 -6.43 -0.96
C ILE B 90 -13.61 -7.68 -1.11
N THR B 91 -13.14 -8.83 -0.63
CA THR B 91 -13.92 -10.05 -0.74
C THR B 91 -15.01 -10.09 0.35
N LYS B 92 -16.27 -10.11 -0.09
CA LYS B 92 -17.44 -10.09 0.78
C LYS B 92 -17.16 -9.70 2.22
N ASN B 94 -20.53 -8.10 3.31
CA ASN B 94 -21.60 -8.61 2.45
C ASN B 94 -22.93 -8.00 2.88
N ASP B 95 -24.02 -8.67 2.48
CA ASP B 95 -25.38 -8.23 2.78
C ASP B 95 -25.90 -7.24 1.73
N VAL B 96 -25.10 -6.24 1.39
CA VAL B 96 -25.50 -5.27 0.37
C VAL B 96 -24.61 -5.32 -0.86
N TYR B 97 -23.53 -6.08 -0.79
CA TYR B 97 -22.62 -6.23 -1.91
C TYR B 97 -21.75 -7.48 -1.78
N SER B 98 -21.50 -8.16 -2.89
CA SER B 98 -20.65 -9.33 -2.84
C SER B 98 -19.64 -9.30 -3.98
N PHE B 99 -18.43 -9.74 -3.66
CA PHE B 99 -17.35 -9.77 -4.61
C PHE B 99 -16.49 -11.00 -4.40
N SER B 100 -16.19 -11.73 -5.46
CA SER B 100 -15.33 -12.89 -5.31
C SER B 100 -14.44 -13.12 -6.51
N LEU B 101 -13.19 -13.46 -6.24
CA LEU B 101 -12.23 -13.78 -7.29
C LEU B 101 -11.74 -15.19 -7.01
N ALA B 102 -11.88 -16.07 -7.99
CA ALA B 102 -11.42 -17.45 -7.82
C ALA B 102 -10.38 -17.78 -8.88
N SER B 103 -9.29 -18.40 -8.47
CA SER B 103 -8.23 -18.78 -9.40
C SER B 103 -8.00 -20.28 -9.46
N ARG B 104 -7.63 -20.77 -10.63
CA ARG B 104 -7.34 -22.18 -10.82
C ARG B 104 -6.18 -22.36 -11.77
N LEU B 105 -5.34 -23.34 -11.46
CA LEU B 105 -4.19 -23.69 -12.28
C LEU B 105 -4.46 -25.09 -12.80
N TYR B 106 -4.56 -25.26 -14.12
CA TYR B 106 -4.78 -26.59 -14.68
C TYR B 106 -3.44 -27.06 -15.23
N ALA B 107 -2.90 -28.13 -14.66
CA ALA B 107 -1.61 -28.63 -15.12
C ALA B 107 -1.62 -30.06 -15.61
N GLU B 108 -0.74 -30.33 -16.56
CA GLU B 108 -0.59 -31.63 -17.19
C GLU B 108 -0.32 -32.77 -16.21
N GLU B 109 -0.81 -33.96 -16.55
CA GLU B 109 -0.63 -35.16 -15.74
C GLU B 109 0.85 -35.33 -15.40
N ARG B 110 1.21 -35.06 -14.15
CA ARG B 110 2.60 -35.18 -13.72
C ARG B 110 3.54 -34.40 -14.64
N TYR B 111 3.66 -33.11 -14.40
CA TYR B 111 4.54 -32.27 -15.19
C TYR B 111 5.55 -31.65 -14.22
N PRO B 112 6.78 -31.40 -14.69
CA PRO B 112 7.86 -30.81 -13.88
C PRO B 112 7.56 -29.47 -13.21
N ILE B 113 6.31 -29.26 -12.80
CA ILE B 113 5.92 -28.02 -12.14
C ILE B 113 6.50 -27.95 -10.73
N LEU B 114 7.56 -27.17 -10.57
CA LEU B 114 8.21 -27.02 -9.27
C LEU B 114 7.24 -27.11 -8.10
N PRO B 115 7.64 -27.86 -7.07
CA PRO B 115 6.79 -28.03 -5.88
C PRO B 115 6.45 -26.70 -5.22
N GLU B 116 7.47 -25.90 -4.92
CA GLU B 116 7.25 -24.61 -4.25
C GLU B 116 6.37 -23.64 -5.03
N TYR B 117 6.27 -23.81 -6.34
CA TYR B 117 5.45 -22.91 -7.13
C TYR B 117 3.99 -23.09 -6.75
N LEU B 118 3.52 -24.33 -6.82
CA LEU B 118 2.12 -24.63 -6.50
C LEU B 118 1.80 -24.37 -5.03
N GLN B 119 2.78 -24.55 -4.16
CA GLN B 119 2.59 -24.33 -2.73
C GLN B 119 2.17 -22.89 -2.55
N CYS B 120 3.06 -21.99 -2.97
CA CYS B 120 2.83 -20.57 -2.85
C CYS B 120 1.55 -20.08 -3.55
N VAL B 121 1.36 -20.45 -4.80
CA VAL B 121 0.16 -20.04 -5.51
C VAL B 121 -1.07 -20.41 -4.68
N LYS B 122 -1.03 -21.59 -4.07
CA LYS B 122 -2.13 -22.06 -3.22
C LYS B 122 -2.21 -21.15 -2.00
N GLU B 123 -1.04 -20.84 -1.45
CA GLU B 123 -0.94 -19.98 -0.28
C GLU B 123 -1.50 -18.59 -0.57
N LEU B 124 -0.70 -17.79 -1.26
CA LEU B 124 -1.02 -16.41 -1.64
C LEU B 124 -2.28 -16.17 -2.47
N TYR B 125 -2.36 -16.78 -3.65
CA TYR B 125 -3.51 -16.57 -4.54
C TYR B 125 -4.67 -17.54 -4.33
N ARG B 126 -4.57 -18.35 -3.29
CA ARG B 126 -5.60 -19.32 -2.96
C ARG B 126 -6.00 -20.10 -4.20
N GLY B 127 -5.04 -20.36 -5.07
CA GLY B 127 -5.33 -21.10 -6.29
C GLY B 127 -5.30 -22.61 -6.11
N GLY B 128 -6.34 -23.27 -6.59
CA GLY B 128 -6.40 -24.71 -6.48
C GLY B 128 -5.77 -25.36 -7.71
N LEU B 129 -5.13 -26.51 -7.52
CA LEU B 129 -4.51 -27.20 -8.63
C LEU B 129 -5.46 -28.27 -9.14
N GLU B 130 -5.56 -28.40 -10.45
CA GLU B 130 -6.45 -29.40 -11.02
C GLU B 130 -5.65 -30.17 -12.08
N PRO B 131 -5.40 -31.47 -11.83
CA PRO B 131 -4.64 -32.31 -12.76
C PRO B 131 -5.44 -32.54 -14.03
N ILE B 132 -4.83 -32.25 -15.19
CA ILE B 132 -5.52 -32.40 -16.46
C ILE B 132 -4.64 -33.12 -17.47
N ASN B 133 -5.27 -33.69 -18.49
CA ASN B 133 -4.54 -34.42 -19.53
C ASN B 133 -4.53 -33.67 -20.86
N PHE B 134 -3.51 -32.83 -21.06
CA PHE B 134 -3.35 -32.07 -22.29
C PHE B 134 -2.72 -32.95 -23.36
N GLN B 135 -1.67 -33.66 -22.97
CA GLN B 135 -0.92 -34.52 -23.87
C GLN B 135 -1.78 -35.33 -24.82
N THR B 136 -2.75 -36.07 -24.29
CA THR B 136 -3.60 -36.89 -25.14
C THR B 136 -5.10 -36.57 -25.13
N ALA B 137 -5.50 -35.56 -24.37
CA ALA B 137 -6.91 -35.16 -24.34
C ALA B 137 -7.06 -33.67 -24.10
N ALA B 138 -6.39 -32.89 -24.95
CA ALA B 138 -6.44 -31.43 -24.86
C ALA B 138 -7.83 -30.94 -25.24
N ASP B 139 -8.58 -31.79 -25.93
CA ASP B 139 -9.94 -31.47 -26.36
C ASP B 139 -10.88 -31.51 -25.14
N GLN B 140 -10.68 -32.51 -24.30
CA GLN B 140 -11.48 -32.69 -23.10
C GLN B 140 -11.04 -31.68 -22.05
N ALA B 141 -9.74 -31.42 -21.99
CA ALA B 141 -9.19 -30.46 -21.03
C ALA B 141 -9.81 -29.07 -21.23
N ARG B 142 -9.89 -28.63 -22.49
CA ARG B 142 -10.46 -27.34 -22.85
C ARG B 142 -11.92 -27.22 -22.44
N GLU B 143 -12.71 -28.24 -22.75
CA GLU B 143 -14.12 -28.22 -22.40
C GLU B 143 -14.35 -28.25 -20.90
N LEU B 144 -13.44 -28.91 -20.17
CA LEU B 144 -13.55 -28.97 -18.71
C LEU B 144 -13.26 -27.56 -18.16
N ILE B 145 -12.21 -26.93 -18.67
CA ILE B 145 -11.86 -25.60 -18.22
C ILE B 145 -12.96 -24.59 -18.58
N ASN B 146 -13.44 -24.59 -19.81
CA ASN B 146 -14.51 -23.67 -20.19
C ASN B 146 -15.72 -23.87 -19.29
N SER B 147 -15.97 -25.13 -18.97
CA SER B 147 -17.10 -25.53 -18.13
C SER B 147 -17.05 -24.89 -16.74
N TRP B 148 -15.86 -24.89 -16.17
CA TRP B 148 -15.64 -24.31 -14.85
C TRP B 148 -15.89 -22.81 -14.87
N VAL B 149 -15.33 -22.13 -15.87
CA VAL B 149 -15.50 -20.68 -15.97
C VAL B 149 -16.98 -20.33 -16.17
N GLU B 150 -17.65 -21.10 -17.01
CA GLU B 150 -19.06 -20.88 -17.30
C GLU B 150 -19.90 -21.02 -16.04
N SER B 151 -19.57 -22.00 -15.21
CA SER B 151 -20.30 -22.21 -13.97
C SER B 151 -19.99 -21.13 -12.93
N GLN B 152 -18.75 -20.68 -12.85
CA GLN B 152 -18.37 -19.64 -11.91
C GLN B 152 -19.01 -18.28 -12.26
N THR B 153 -19.47 -18.13 -13.50
CA THR B 153 -20.09 -16.89 -13.95
C THR B 153 -21.56 -17.10 -14.28
N ASN B 154 -22.16 -18.06 -13.60
CA ASN B 154 -23.57 -18.38 -13.81
C ASN B 154 -24.01 -18.47 -15.25
N GLY B 155 -23.17 -19.07 -16.09
CA GLY B 155 -23.54 -19.23 -17.48
C GLY B 155 -23.33 -18.08 -18.42
N ILE B 156 -22.93 -16.93 -17.89
CA ILE B 156 -22.74 -15.74 -18.71
C ILE B 156 -21.50 -15.81 -19.59
N ILE B 157 -20.35 -16.17 -19.01
CA ILE B 157 -19.14 -16.27 -19.80
C ILE B 157 -18.90 -17.71 -20.26
N ARG B 158 -19.20 -17.95 -21.54
CA ARG B 158 -19.06 -19.26 -22.16
C ARG B 158 -17.92 -19.35 -23.18
N ASN B 159 -17.36 -20.56 -23.29
CA ASN B 159 -16.25 -20.88 -24.19
C ASN B 159 -15.11 -19.89 -24.13
N VAL B 160 -14.58 -19.65 -22.94
CA VAL B 160 -13.50 -18.69 -22.81
C VAL B 160 -12.27 -19.12 -23.64
N LEU B 161 -12.11 -20.42 -23.82
CA LEU B 161 -10.99 -20.95 -24.61
C LEU B 161 -11.53 -21.42 -25.95
N GLN B 162 -11.01 -20.83 -27.03
CA GLN B 162 -11.45 -21.19 -28.38
C GLN B 162 -10.71 -22.44 -28.87
N PRO B 163 -11.26 -23.13 -29.87
CA PRO B 163 -10.65 -24.34 -30.41
C PRO B 163 -9.15 -24.24 -30.64
N SER B 164 -8.47 -25.33 -30.33
CA SER B 164 -7.02 -25.41 -30.48
C SER B 164 -6.32 -24.16 -29.95
N SER B 165 -6.71 -23.74 -28.75
CA SER B 165 -6.08 -22.60 -28.07
C SER B 165 -5.15 -23.30 -27.08
N VAL B 166 -5.35 -24.61 -26.98
CA VAL B 166 -4.55 -25.51 -26.14
C VAL B 166 -4.40 -26.81 -26.93
N ASP B 167 -3.23 -27.45 -26.81
CA ASP B 167 -2.97 -28.69 -27.50
C ASP B 167 -2.03 -29.57 -26.72
N SER B 168 -1.54 -30.63 -27.38
CA SER B 168 -0.62 -31.59 -26.77
C SER B 168 0.65 -30.97 -26.23
N GLN B 169 0.88 -29.71 -26.59
CA GLN B 169 2.07 -28.99 -26.14
C GLN B 169 1.81 -28.04 -24.97
N THR B 170 0.56 -27.95 -24.54
CA THR B 170 0.19 -27.08 -23.42
C THR B 170 0.63 -27.73 -22.10
N ALA B 171 1.38 -26.97 -21.31
CA ALA B 171 1.86 -27.46 -20.02
C ALA B 171 0.92 -27.06 -18.89
N MET B 172 0.45 -25.82 -18.93
CA MET B 172 -0.44 -25.30 -17.89
C MET B 172 -1.30 -24.11 -18.35
N VAL B 173 -2.45 -23.97 -17.72
CA VAL B 173 -3.39 -22.90 -18.01
C VAL B 173 -3.78 -22.23 -16.69
N LEU B 174 -3.47 -20.95 -16.55
CA LEU B 174 -3.86 -20.19 -15.36
C LEU B 174 -5.19 -19.56 -15.73
N VAL B 175 -6.12 -19.48 -14.80
CA VAL B 175 -7.41 -18.89 -15.11
C VAL B 175 -8.14 -18.45 -13.85
N ASN B 176 -8.83 -17.31 -13.95
CA ASN B 176 -9.59 -16.80 -12.82
C ASN B 176 -11.00 -16.42 -13.27
N ALA B 177 -11.89 -16.26 -12.29
CA ALA B 177 -13.26 -15.89 -12.55
C ALA B 177 -13.62 -14.84 -11.50
N ILE B 178 -14.28 -13.76 -11.94
CA ILE B 178 -14.66 -12.71 -11.01
C ILE B 178 -16.13 -12.39 -11.09
N VAL B 179 -16.73 -12.27 -9.90
CA VAL B 179 -18.15 -11.96 -9.79
C VAL B 179 -18.31 -10.79 -8.83
N PHE B 180 -19.04 -9.76 -9.29
CA PHE B 180 -19.29 -8.59 -8.47
C PHE B 180 -20.75 -8.20 -8.56
N LYS B 181 -21.36 -7.99 -7.40
CA LYS B 181 -22.77 -7.63 -7.31
C LYS B 181 -22.87 -6.58 -6.22
N GLY B 182 -23.39 -5.40 -6.57
CA GLY B 182 -23.47 -4.36 -5.57
C GLY B 182 -24.64 -3.41 -5.71
N LEU B 183 -25.31 -3.19 -4.57
CA LEU B 183 -26.46 -2.29 -4.50
C LEU B 183 -26.05 -0.83 -4.42
N TRP B 184 -26.76 0.01 -5.17
CA TRP B 184 -26.51 1.45 -5.16
C TRP B 184 -26.88 1.90 -3.75
N GLU B 185 -26.18 2.87 -3.21
CA GLU B 185 -26.54 3.35 -1.90
C GLU B 185 -27.88 4.08 -2.08
N LYS B 186 -28.07 4.68 -3.25
CA LYS B 186 -29.30 5.42 -3.54
C LYS B 186 -29.91 4.89 -4.84
N THR B 187 -30.74 3.86 -4.72
CA THR B 187 -31.37 3.26 -5.89
C THR B 187 -32.30 4.14 -6.72
N PHE B 188 -32.50 3.74 -7.97
CA PHE B 188 -33.39 4.44 -8.90
C PHE B 188 -34.74 3.74 -8.84
N LYS B 189 -35.80 4.38 -9.34
CA LYS B 189 -37.12 3.75 -9.33
C LYS B 189 -37.53 3.28 -10.73
N ASP B 190 -38.13 2.11 -10.80
CA ASP B 190 -38.60 1.55 -12.06
C ASP B 190 -39.47 2.58 -12.77
N GLU B 191 -40.55 2.97 -12.08
CA GLU B 191 -41.51 3.94 -12.58
C GLU B 191 -40.90 5.19 -13.21
N ASP B 192 -39.76 5.62 -12.69
CA ASP B 192 -39.11 6.81 -13.21
C ASP B 192 -38.26 6.57 -14.45
N THR B 193 -38.13 5.31 -14.85
CA THR B 193 -37.33 4.96 -16.03
C THR B 193 -38.14 5.09 -17.32
N GLN B 194 -37.64 5.91 -18.25
CA GLN B 194 -38.35 6.11 -19.52
C GLN B 194 -37.44 6.02 -20.74
N ALA B 195 -38.06 5.87 -21.91
CA ALA B 195 -37.31 5.81 -23.15
C ALA B 195 -36.80 7.21 -23.41
N MET B 196 -35.59 7.31 -23.96
CA MET B 196 -35.00 8.61 -24.25
C MET B 196 -33.93 8.46 -25.30
N PRO B 197 -33.78 9.47 -26.18
CA PRO B 197 -32.76 9.37 -27.22
C PRO B 197 -31.33 9.48 -26.68
N PHE B 198 -30.52 8.49 -27.06
CA PHE B 198 -29.11 8.47 -26.66
C PHE B 198 -28.38 8.89 -27.92
N ARG B 199 -27.69 10.02 -27.85
CA ARG B 199 -26.98 10.56 -29.00
C ARG B 199 -25.58 10.02 -29.22
N VAL B 200 -25.49 8.98 -30.04
CA VAL B 200 -24.21 8.35 -30.37
C VAL B 200 -23.32 9.39 -31.05
N THR B 201 -23.54 9.61 -32.34
CA THR B 201 -22.77 10.61 -33.06
C THR B 201 -23.53 11.90 -32.89
N GLU B 202 -22.87 13.01 -33.16
CA GLU B 202 -23.50 14.32 -33.04
C GLU B 202 -24.57 14.45 -34.14
N GLN B 203 -24.84 13.32 -34.80
CA GLN B 203 -25.82 13.26 -35.88
C GLN B 203 -26.38 11.85 -36.00
N GLU B 204 -26.74 11.25 -34.87
CA GLU B 204 -27.29 9.90 -34.83
C GLU B 204 -27.73 9.56 -33.41
N SER B 205 -29.00 9.20 -33.25
CA SER B 205 -29.56 8.86 -31.95
C SER B 205 -30.10 7.44 -31.91
N LYS B 206 -30.40 6.98 -30.70
CA LYS B 206 -30.92 5.62 -30.50
C LYS B 206 -31.67 5.56 -29.17
N PRO B 207 -32.89 5.00 -29.17
CA PRO B 207 -33.72 4.88 -27.96
C PRO B 207 -33.14 3.90 -26.92
N VAL B 208 -33.05 4.33 -25.67
CA VAL B 208 -32.52 3.51 -24.58
C VAL B 208 -33.22 3.80 -23.26
N GLN B 209 -33.55 2.74 -22.52
CA GLN B 209 -34.19 2.90 -21.21
C GLN B 209 -33.29 3.76 -20.32
N MET B 210 -33.71 5.00 -20.07
CA MET B 210 -32.92 5.92 -19.25
C MET B 210 -33.42 5.89 -17.81
N MET B 211 -32.49 5.86 -16.85
CA MET B 211 -32.86 5.87 -15.44
C MET B 211 -32.76 7.31 -14.97
N TYR B 212 -33.56 7.66 -13.96
CA TYR B 212 -33.55 9.01 -13.44
C TYR B 212 -33.87 9.11 -11.95
N GLN B 213 -33.21 10.05 -11.28
CA GLN B 213 -33.45 10.29 -9.86
C GLN B 213 -32.85 11.63 -9.44
N ILE B 214 -33.37 12.19 -8.35
CA ILE B 214 -32.88 13.45 -7.80
C ILE B 214 -32.35 13.15 -6.41
N GLY B 215 -31.27 13.81 -6.01
CA GLY B 215 -30.72 13.57 -4.69
C GLY B 215 -29.37 14.21 -4.48
N LEU B 216 -28.80 14.00 -3.31
CA LEU B 216 -27.49 14.57 -3.00
C LEU B 216 -26.37 13.67 -3.50
N PHE B 217 -25.58 14.16 -4.45
CA PHE B 217 -24.46 13.43 -5.03
C PHE B 217 -23.26 14.36 -5.15
N ARG B 218 -22.05 13.81 -4.99
CA ARG B 218 -20.86 14.63 -5.14
C ARG B 218 -20.61 14.80 -6.62
N VAL B 219 -20.33 16.03 -7.04
CA VAL B 219 -20.09 16.35 -8.43
C VAL B 219 -18.89 17.27 -8.52
N ALA B 220 -18.32 17.35 -9.71
CA ALA B 220 -17.18 18.22 -9.95
C ALA B 220 -17.38 18.78 -11.35
N SER B 221 -17.22 20.09 -11.49
CA SER B 221 -17.38 20.74 -12.78
C SER B 221 -16.03 21.14 -13.32
N MET B 222 -15.72 20.65 -14.51
CA MET B 222 -14.45 20.93 -15.15
C MET B 222 -14.62 21.85 -16.35
N ALA B 223 -15.05 23.09 -16.09
CA ALA B 223 -15.23 24.06 -17.16
C ALA B 223 -13.82 24.56 -17.44
N SER B 224 -13.14 23.86 -18.34
CA SER B 224 -11.76 24.14 -18.74
C SER B 224 -11.35 22.88 -19.48
N GLU B 225 -12.07 21.80 -19.20
CA GLU B 225 -11.88 20.51 -19.81
C GLU B 225 -13.21 20.12 -20.45
N LYS B 226 -14.21 20.96 -20.23
CA LYS B 226 -15.54 20.74 -20.80
C LYS B 226 -16.18 19.45 -20.32
N MET B 227 -16.07 19.16 -19.03
CA MET B 227 -16.64 17.92 -18.51
C MET B 227 -17.05 17.95 -17.04
N LYS B 228 -17.90 17.00 -16.67
CA LYS B 228 -18.37 16.87 -15.29
C LYS B 228 -18.05 15.46 -14.79
N ILE B 229 -18.01 15.29 -13.48
CA ILE B 229 -17.73 14.00 -12.88
C ILE B 229 -18.72 13.72 -11.77
N LEU B 230 -19.46 12.63 -11.91
CA LEU B 230 -20.45 12.24 -10.92
C LEU B 230 -20.04 10.98 -10.14
N GLU B 231 -20.15 11.02 -8.82
CA GLU B 231 -19.82 9.85 -8.02
C GLU B 231 -21.10 9.23 -7.44
N LEU B 232 -21.37 7.98 -7.82
CA LEU B 232 -22.53 7.24 -7.35
C LEU B 232 -22.02 6.17 -6.39
N PRO B 233 -22.14 6.41 -5.07
CA PRO B 233 -21.67 5.41 -4.11
C PRO B 233 -22.49 4.12 -4.05
N PHE B 234 -21.80 3.04 -3.70
CA PHE B 234 -22.45 1.74 -3.53
C PHE B 234 -22.86 1.70 -2.07
N ALA B 235 -23.89 0.92 -1.76
CA ALA B 235 -24.39 0.83 -0.39
C ALA B 235 -23.34 0.37 0.64
N SER B 236 -22.32 -0.34 0.20
CA SER B 236 -21.31 -0.82 1.13
C SER B 236 -20.58 0.34 1.81
N GLY B 237 -20.47 1.46 1.10
CA GLY B 237 -19.77 2.62 1.62
C GLY B 237 -18.28 2.45 1.40
N THR B 238 -17.87 1.44 0.64
CA THR B 238 -16.45 1.19 0.40
C THR B 238 -16.05 1.27 -1.07
N MET B 239 -17.05 1.40 -1.92
CA MET B 239 -16.83 1.49 -3.36
C MET B 239 -17.80 2.48 -3.97
N SER B 240 -17.42 3.05 -5.10
CA SER B 240 -18.26 4.00 -5.81
C SER B 240 -17.97 3.99 -7.29
N MET B 241 -18.95 4.40 -8.09
CA MET B 241 -18.74 4.45 -9.52
C MET B 241 -18.62 5.91 -9.94
N LEU B 242 -17.50 6.21 -10.57
CA LEU B 242 -17.25 7.54 -11.06
C LEU B 242 -17.71 7.52 -12.51
N VAL B 243 -18.44 8.56 -12.91
CA VAL B 243 -18.92 8.69 -14.29
C VAL B 243 -18.36 9.99 -14.87
N LEU B 244 -17.62 9.88 -15.97
CA LEU B 244 -17.03 11.06 -16.59
C LEU B 244 -17.80 11.34 -17.88
N LEU B 245 -18.55 12.44 -17.87
CA LEU B 245 -19.38 12.82 -19.01
C LEU B 245 -18.87 14.10 -19.65
N PRO B 246 -18.34 14.00 -20.87
CA PRO B 246 -17.85 15.23 -21.50
C PRO B 246 -19.10 16.08 -21.87
N ASP B 247 -18.96 17.40 -21.84
CA ASP B 247 -20.09 18.28 -22.15
C ASP B 247 -20.66 18.11 -23.56
N GLU B 248 -19.81 18.15 -24.57
CA GLU B 248 -20.27 18.02 -25.95
C GLU B 248 -20.57 16.57 -26.33
N VAL B 249 -21.62 16.38 -27.12
CA VAL B 249 -22.05 15.07 -27.57
C VAL B 249 -20.91 14.29 -28.22
N SER B 250 -19.78 14.94 -28.45
CA SER B 250 -18.65 14.29 -29.09
C SER B 250 -17.32 14.73 -28.49
N GLY B 251 -17.32 15.07 -27.21
CA GLY B 251 -16.09 15.51 -26.57
C GLY B 251 -15.26 14.37 -26.02
N LEU B 252 -15.75 13.15 -26.18
CA LEU B 252 -15.06 11.96 -25.69
C LEU B 252 -13.69 11.77 -26.33
N GLU B 253 -13.62 11.97 -27.65
CA GLU B 253 -12.37 11.80 -28.37
C GLU B 253 -11.26 12.72 -27.86
N GLN B 254 -11.64 13.72 -27.08
CA GLN B 254 -10.66 14.65 -26.52
C GLN B 254 -10.31 14.25 -25.09
N LEU B 255 -11.31 13.78 -24.35
CA LEU B 255 -11.13 13.35 -22.97
C LEU B 255 -10.22 12.13 -22.89
N GLU B 256 -10.47 11.14 -23.75
CA GLU B 256 -9.67 9.91 -23.77
C GLU B 256 -8.20 10.23 -24.05
N SER B 257 -7.96 11.38 -24.64
CA SER B 257 -6.60 11.80 -24.97
C SER B 257 -5.81 12.38 -23.80
N ILE B 258 -6.48 12.97 -22.81
CA ILE B 258 -5.73 13.53 -21.70
C ILE B 258 -5.81 12.74 -20.40
N ILE B 259 -6.90 12.01 -20.20
CA ILE B 259 -7.07 11.24 -18.99
C ILE B 259 -5.88 10.36 -18.63
N ASN B 260 -5.59 10.31 -17.34
CA ASN B 260 -4.50 9.51 -16.80
C ASN B 260 -4.67 9.50 -15.29
N PHE B 261 -3.83 8.73 -14.59
CA PHE B 261 -3.90 8.67 -13.14
C PHE B 261 -3.84 10.07 -12.54
N GLU B 262 -2.81 10.84 -12.91
CA GLU B 262 -2.64 12.20 -12.41
C GLU B 262 -3.93 13.02 -12.47
N LYS B 263 -4.45 13.21 -13.67
CA LYS B 263 -5.67 13.99 -13.88
C LYS B 263 -6.83 13.50 -13.02
N LEU B 264 -7.16 12.21 -13.16
CA LEU B 264 -8.25 11.63 -12.42
C LEU B 264 -8.08 11.89 -10.93
N THR B 265 -6.86 11.69 -10.43
CA THR B 265 -6.57 11.93 -9.03
C THR B 265 -6.84 13.40 -8.74
N GLU B 266 -6.56 14.23 -9.73
CA GLU B 266 -6.73 15.68 -9.63
C GLU B 266 -8.20 16.12 -9.65
N TRP B 267 -9.01 15.48 -10.49
CA TRP B 267 -10.42 15.85 -10.63
C TRP B 267 -11.36 15.30 -9.55
N THR B 268 -10.90 14.32 -8.78
CA THR B 268 -11.74 13.74 -7.75
C THR B 268 -11.26 14.11 -6.36
N SER B 269 -10.59 15.25 -6.27
CA SER B 269 -10.07 15.74 -5.01
C SER B 269 -11.19 16.39 -4.20
N SER B 270 -10.81 16.96 -3.05
CA SER B 270 -11.77 17.59 -2.15
C SER B 270 -12.25 18.93 -2.69
N ASN B 271 -11.31 19.86 -2.84
CA ASN B 271 -11.63 21.20 -3.33
C ASN B 271 -12.17 21.21 -4.76
N VAL B 272 -12.40 20.01 -5.31
CA VAL B 272 -12.92 19.89 -6.67
C VAL B 272 -14.35 19.36 -6.65
N MET B 273 -14.58 18.29 -5.89
CA MET B 273 -15.91 17.70 -5.80
C MET B 273 -16.65 18.17 -4.57
N GLU B 274 -17.95 18.40 -4.73
CA GLU B 274 -18.78 18.87 -3.63
C GLU B 274 -20.21 18.38 -3.81
N GLU B 275 -20.89 18.14 -2.70
CA GLU B 275 -22.26 17.64 -2.72
C GLU B 275 -23.24 18.72 -3.16
N ARG B 276 -24.20 18.32 -3.99
CA ARG B 276 -25.22 19.23 -4.49
C ARG B 276 -26.43 18.38 -4.84
N LYS B 277 -27.64 18.92 -4.62
CA LYS B 277 -28.85 18.18 -4.95
C LYS B 277 -28.95 18.32 -6.47
N ILE B 278 -29.08 17.20 -7.19
CA ILE B 278 -29.14 17.26 -8.65
C ILE B 278 -29.97 16.18 -9.34
N LYS B 279 -30.38 16.46 -10.56
CA LYS B 279 -31.15 15.50 -11.35
C LYS B 279 -30.12 14.59 -12.01
N VAL B 280 -30.42 13.31 -12.10
CA VAL B 280 -29.48 12.37 -12.68
C VAL B 280 -30.11 11.39 -13.66
N TYR B 281 -29.59 11.39 -14.87
CA TYR B 281 -30.07 10.48 -15.91
C TYR B 281 -28.90 9.59 -16.28
N LEU B 282 -29.10 8.28 -16.13
CA LEU B 282 -28.09 7.30 -16.45
C LEU B 282 -28.82 6.15 -17.10
N PRO B 283 -28.35 5.71 -18.28
CA PRO B 283 -29.05 4.60 -18.93
C PRO B 283 -28.73 3.24 -18.33
N ARG B 284 -29.65 2.30 -18.53
CA ARG B 284 -29.44 0.94 -18.08
C ARG B 284 -28.37 0.51 -19.07
N MET B 285 -27.37 -0.20 -18.60
CA MET B 285 -26.30 -0.63 -19.49
C MET B 285 -26.11 -2.14 -19.42
N LYS B 286 -25.70 -2.72 -20.54
CA LYS B 286 -25.43 -4.14 -20.59
C LYS B 286 -24.33 -4.32 -21.61
N MET B 287 -23.11 -4.56 -21.11
CA MET B 287 -21.96 -4.73 -21.99
C MET B 287 -21.34 -6.11 -21.92
N GLU B 288 -20.72 -6.51 -23.02
CA GLU B 288 -20.06 -7.80 -23.10
C GLU B 288 -18.95 -7.74 -24.12
N GLU B 289 -17.71 -7.79 -23.64
CA GLU B 289 -16.52 -7.71 -24.50
C GLU B 289 -15.54 -8.84 -24.20
N LYS B 290 -14.74 -9.20 -25.20
CA LYS B 290 -13.72 -10.23 -25.04
C LYS B 290 -12.45 -9.70 -25.72
N TYR B 291 -11.31 -9.83 -25.04
CA TYR B 291 -10.06 -9.34 -25.58
C TYR B 291 -8.94 -10.37 -25.61
N ASN B 292 -8.11 -10.25 -26.63
CA ASN B 292 -6.95 -11.11 -26.78
C ASN B 292 -5.87 -10.27 -26.12
N LEU B 293 -5.38 -10.72 -24.97
CA LEU B 293 -4.38 -9.95 -24.24
C LEU B 293 -2.97 -9.98 -24.83
N THR B 294 -2.68 -11.00 -25.63
CA THR B 294 -1.35 -11.14 -26.22
C THR B 294 -0.85 -9.90 -26.96
N SER B 295 -1.63 -9.40 -27.90
CA SER B 295 -1.19 -8.21 -28.64
C SER B 295 -1.13 -7.02 -27.70
N VAL B 296 -2.15 -6.90 -26.85
CA VAL B 296 -2.25 -5.81 -25.89
C VAL B 296 -1.01 -5.68 -25.05
N LEU B 297 -0.64 -6.76 -24.36
CA LEU B 297 0.53 -6.73 -23.49
C LEU B 297 1.82 -6.61 -24.30
N MET B 298 1.79 -7.14 -25.50
CA MET B 298 2.95 -7.08 -26.38
C MET B 298 3.18 -5.62 -26.79
N ALA B 299 2.10 -4.95 -27.17
CA ALA B 299 2.18 -3.55 -27.55
C ALA B 299 2.71 -2.71 -26.38
N MET B 300 2.27 -3.07 -25.16
CA MET B 300 2.68 -2.35 -23.95
C MET B 300 4.13 -2.57 -23.54
N GLY B 301 4.82 -3.50 -24.19
CA GLY B 301 6.20 -3.72 -23.84
C GLY B 301 6.55 -5.08 -23.25
N ILE B 302 5.56 -5.91 -22.94
CA ILE B 302 5.85 -7.22 -22.39
C ILE B 302 6.01 -8.19 -23.55
N THR B 303 7.25 -8.43 -23.97
CA THR B 303 7.48 -9.31 -25.10
C THR B 303 8.15 -10.66 -24.82
N ASP B 304 9.12 -10.68 -23.90
CA ASP B 304 9.83 -11.92 -23.63
C ASP B 304 9.02 -13.13 -23.17
N VAL B 305 7.96 -12.93 -22.40
CA VAL B 305 7.16 -14.05 -21.93
C VAL B 305 6.49 -14.79 -23.07
N PHE B 306 6.38 -14.12 -24.22
CA PHE B 306 5.74 -14.75 -25.37
C PHE B 306 6.77 -15.30 -26.36
N SER B 307 8.03 -14.99 -26.13
CA SER B 307 9.09 -15.43 -27.03
C SER B 307 9.72 -16.75 -26.66
N SER B 308 10.57 -17.22 -27.58
CA SER B 308 11.29 -18.47 -27.43
C SER B 308 12.40 -18.29 -26.40
N SER B 309 12.73 -17.04 -26.11
CA SER B 309 13.77 -16.75 -25.15
C SER B 309 13.19 -16.40 -23.78
N ALA B 310 11.99 -16.92 -23.52
CA ALA B 310 11.30 -16.66 -22.26
C ALA B 310 11.87 -17.48 -21.10
N ASN B 311 11.81 -16.92 -19.90
CA ASN B 311 12.31 -17.64 -18.74
C ASN B 311 11.29 -17.84 -17.63
N LEU B 312 10.65 -19.00 -17.61
CA LEU B 312 9.68 -19.34 -16.58
C LEU B 312 10.21 -20.52 -15.78
N SER B 313 11.51 -20.51 -15.50
CA SER B 313 12.17 -21.58 -14.75
C SER B 313 11.66 -21.67 -13.31
N GLY B 314 10.94 -20.64 -12.88
CA GLY B 314 10.38 -20.65 -11.55
C GLY B 314 9.12 -21.50 -11.51
N ILE B 315 8.64 -21.91 -12.68
CA ILE B 315 7.44 -22.75 -12.74
C ILE B 315 7.89 -24.19 -12.98
N SER B 316 8.97 -24.34 -13.74
CA SER B 316 9.52 -25.64 -14.04
C SER B 316 10.95 -25.51 -14.54
N SER B 317 11.80 -26.42 -14.08
CA SER B 317 13.20 -26.43 -14.47
C SER B 317 13.42 -27.48 -15.54
N ALA B 318 12.44 -28.35 -15.73
CA ALA B 318 12.58 -29.43 -16.70
C ALA B 318 12.39 -29.08 -18.17
N GLU B 319 11.55 -28.10 -18.46
CA GLU B 319 11.34 -27.72 -19.86
C GLU B 319 11.28 -26.23 -20.09
N SER B 320 11.55 -25.83 -21.33
CA SER B 320 11.49 -24.43 -21.71
C SER B 320 10.01 -24.15 -22.00
N LEU B 321 9.45 -23.17 -21.30
CA LEU B 321 8.04 -22.82 -21.46
C LEU B 321 7.83 -21.35 -21.76
N LYS B 322 6.68 -21.04 -22.35
CA LYS B 322 6.30 -19.66 -22.67
C LYS B 322 4.79 -19.54 -22.70
N ILE B 323 4.31 -18.29 -22.69
CA ILE B 323 2.88 -18.04 -22.76
C ILE B 323 2.45 -18.14 -24.20
N SER B 324 1.52 -19.04 -24.47
CA SER B 324 0.98 -19.28 -25.79
C SER B 324 -0.08 -18.25 -26.16
N GLN B 325 -1.04 -18.04 -25.26
CA GLN B 325 -2.09 -17.07 -25.49
C GLN B 325 -2.64 -16.55 -24.15
N ALA B 326 -3.29 -15.40 -24.19
CA ALA B 326 -3.88 -14.77 -23.02
C ALA B 326 -5.22 -14.17 -23.46
N VAL B 327 -6.22 -14.27 -22.61
CA VAL B 327 -7.55 -13.78 -22.93
C VAL B 327 -8.28 -13.18 -21.73
N HIS B 328 -9.18 -12.25 -22.01
CA HIS B 328 -9.98 -11.62 -20.98
C HIS B 328 -11.38 -11.33 -21.51
N ALA B 329 -12.39 -11.81 -20.82
CA ALA B 329 -13.77 -11.60 -21.20
C ALA B 329 -14.48 -10.97 -20.02
N ALA B 330 -15.47 -10.14 -20.27
CA ALA B 330 -16.19 -9.48 -19.18
C ALA B 330 -17.61 -9.14 -19.61
N HIS B 331 -18.52 -9.17 -18.64
CA HIS B 331 -19.93 -8.86 -18.88
C HIS B 331 -20.38 -7.96 -17.75
N ALA B 332 -21.05 -6.86 -18.08
CA ALA B 332 -21.51 -5.94 -17.07
C ALA B 332 -22.94 -5.50 -17.29
N GLU B 333 -23.66 -5.34 -16.18
CA GLU B 333 -25.04 -4.89 -16.21
C GLU B 333 -25.21 -3.83 -15.13
N ILE B 334 -25.71 -2.68 -15.54
CA ILE B 334 -25.94 -1.59 -14.62
C ILE B 334 -27.39 -1.18 -14.74
N ASN B 335 -28.15 -1.38 -13.67
CA ASN B 335 -29.56 -1.06 -13.65
C ASN B 335 -30.00 -0.21 -12.44
N GLU B 336 -31.31 -0.17 -12.20
CA GLU B 336 -31.89 0.61 -11.11
C GLU B 336 -31.44 0.20 -9.71
N ALA B 337 -31.24 -1.09 -9.50
CA ALA B 337 -30.83 -1.58 -8.17
C ALA B 337 -29.34 -1.49 -7.91
N GLY B 338 -28.54 -1.59 -8.97
CA GLY B 338 -27.09 -1.54 -8.82
C GLY B 338 -26.37 -2.10 -10.03
N THR B 339 -25.17 -2.62 -9.84
CA THR B 339 -24.46 -3.20 -10.97
C THR B 339 -23.96 -4.62 -10.72
N GLU B 340 -23.97 -5.41 -11.77
CA GLU B 340 -23.51 -6.80 -11.76
C GLU B 340 -22.39 -6.99 -12.77
N VAL B 341 -21.29 -7.60 -12.34
CA VAL B 341 -20.18 -7.85 -13.27
C VAL B 341 -19.51 -9.21 -13.06
N VAL B 342 -19.30 -9.90 -14.17
CA VAL B 342 -18.62 -11.20 -14.16
C VAL B 342 -17.50 -11.14 -15.19
N GLY B 343 -16.47 -11.95 -15.00
CA GLY B 343 -15.37 -11.93 -15.94
C GLY B 343 -14.35 -13.01 -15.74
N SER B 344 -13.39 -13.05 -16.65
CA SER B 344 -12.36 -14.07 -16.57
C SER B 344 -11.10 -13.66 -17.28
N ALA B 345 -9.97 -13.90 -16.63
CA ALA B 345 -8.67 -13.62 -17.21
C ALA B 345 -8.04 -15.03 -17.29
N GLU B 346 -7.41 -15.31 -18.43
CA GLU B 346 -6.82 -16.61 -18.69
C GLU B 346 -5.54 -16.51 -19.50
N ALA B 347 -4.58 -17.38 -19.18
CA ALA B 347 -3.30 -17.44 -19.90
C ALA B 347 -2.84 -18.90 -20.01
N GLY B 348 -2.35 -19.27 -21.20
CA GLY B 348 -1.87 -20.63 -21.43
C GLY B 348 -0.35 -20.71 -21.51
N VAL B 349 0.23 -21.75 -20.92
CA VAL B 349 1.68 -21.93 -20.94
C VAL B 349 2.04 -23.18 -21.73
N ASP B 350 2.81 -22.99 -22.80
CA ASP B 350 3.22 -24.11 -23.67
C ASP B 350 4.73 -24.27 -23.70
N ALA B 351 5.18 -25.41 -24.19
CA ALA B 351 6.60 -25.70 -24.30
C ALA B 351 7.21 -24.85 -25.41
N ALA B 352 8.20 -24.03 -25.08
CA ALA B 352 8.86 -23.16 -26.06
C ALA B 352 10.21 -23.77 -26.48
N GLU B 356 -27.01 21.72 -11.80
CA GLU B 356 -28.25 21.13 -11.27
C GLU B 356 -28.68 19.88 -12.06
N GLU B 357 -27.96 19.59 -13.15
CA GLU B 357 -28.32 18.45 -13.97
C GLU B 357 -27.12 17.65 -14.50
N PHE B 358 -27.25 16.32 -14.46
CA PHE B 358 -26.22 15.42 -14.96
C PHE B 358 -26.92 14.34 -15.78
N ARG B 359 -26.95 14.52 -17.09
CA ARG B 359 -27.59 13.52 -17.93
C ARG B 359 -26.60 12.97 -18.93
N ALA B 360 -26.53 11.65 -19.01
CA ALA B 360 -25.61 11.00 -19.93
C ALA B 360 -26.37 10.41 -21.09
N ASP B 361 -26.63 11.24 -22.10
CA ASP B 361 -27.34 10.81 -23.30
C ASP B 361 -26.38 10.80 -24.47
N HIS B 362 -25.10 10.84 -24.14
CA HIS B 362 -24.03 10.78 -25.12
C HIS B 362 -22.84 10.04 -24.49
N PRO B 363 -22.06 9.28 -25.29
CA PRO B 363 -20.89 8.51 -24.85
C PRO B 363 -20.06 9.08 -23.71
N PHE B 364 -19.83 8.24 -22.70
CA PHE B 364 -19.09 8.61 -21.50
C PHE B 364 -18.19 7.48 -21.00
N LEU B 365 -17.27 7.82 -20.10
CA LEU B 365 -16.36 6.85 -19.48
C LEU B 365 -16.84 6.60 -18.04
N PHE B 366 -16.54 5.41 -17.53
CA PHE B 366 -16.89 5.10 -16.15
C PHE B 366 -15.92 4.08 -15.56
N CYS B 367 -15.74 4.15 -14.26
CA CYS B 367 -14.88 3.22 -13.58
C CYS B 367 -15.38 3.05 -12.16
N ILE B 368 -15.20 1.83 -11.64
CA ILE B 368 -15.62 1.51 -10.30
C ILE B 368 -14.33 1.34 -9.54
N LYS B 369 -14.24 1.99 -8.39
CA LYS B 369 -13.03 1.95 -7.58
C LYS B 369 -13.33 1.69 -6.12
N HIS B 370 -12.30 1.29 -5.40
CA HIS B 370 -12.38 1.02 -3.97
C HIS B 370 -11.93 2.34 -3.31
N ILE B 371 -12.84 2.94 -2.55
CA ILE B 371 -12.63 4.22 -1.91
C ILE B 371 -11.39 4.47 -1.09
N ALA B 372 -11.12 3.64 -0.10
CA ALA B 372 -9.96 3.84 0.78
C ALA B 372 -8.61 3.58 0.14
N THR B 373 -8.60 2.85 -0.97
CA THR B 373 -7.33 2.53 -1.61
C THR B 373 -7.15 3.08 -3.01
N ASN B 374 -8.25 3.54 -3.60
CA ASN B 374 -8.23 4.07 -4.95
C ASN B 374 -7.96 3.00 -5.99
N ALA B 375 -8.04 1.74 -5.58
CA ALA B 375 -7.81 0.66 -6.51
C ALA B 375 -8.97 0.61 -7.49
N VAL B 376 -8.66 0.54 -8.79
CA VAL B 376 -9.70 0.48 -9.80
C VAL B 376 -10.02 -0.97 -10.12
N LEU B 377 -11.28 -1.35 -9.88
CA LEU B 377 -11.75 -2.70 -10.13
C LEU B 377 -12.27 -2.86 -11.55
N PHE B 378 -13.11 -1.92 -11.97
CA PHE B 378 -13.66 -2.00 -13.31
C PHE B 378 -13.55 -0.67 -14.02
N PHE B 379 -13.39 -0.74 -15.33
CA PHE B 379 -13.27 0.45 -16.14
C PHE B 379 -13.94 0.18 -17.48
N GLY B 380 -14.59 1.19 -18.04
CA GLY B 380 -15.24 1.00 -19.31
C GLY B 380 -15.60 2.30 -20.02
N ARG B 381 -15.96 2.16 -21.29
CA ARG B 381 -16.38 3.27 -22.13
C ARG B 381 -17.73 2.88 -22.71
N CYS B 382 -18.73 3.73 -22.55
CA CYS B 382 -20.04 3.42 -23.08
C CYS B 382 -20.40 4.32 -24.26
N VAL B 383 -20.49 3.72 -25.44
CA VAL B 383 -20.87 4.46 -26.64
C VAL B 383 -22.25 3.97 -27.05
N SER B 384 -22.57 2.72 -26.70
CA SER B 384 -23.87 2.14 -27.03
C SER B 384 -24.50 1.35 -25.89
N PRO B 385 -25.50 1.93 -25.21
CA PRO B 385 -26.19 1.29 -24.10
C PRO B 385 -26.73 -0.10 -24.43
#